data_1R0Y
#
_entry.id   1R0Y
#
_cell.length_a   171.872
_cell.length_b   171.872
_cell.length_c   109.677
_cell.angle_alpha   90.00
_cell.angle_beta   90.00
_cell.angle_gamma   90.00
#
_symmetry.space_group_name_H-M   'P 4 21 2'
#
loop_
_entity.id
_entity.type
_entity.pdbx_description
1 polymer 'Cystic fibrosis transmembrane conductance regulator'
2 non-polymer "ADENOSINE-5'-DIPHOSPHATE"
3 non-polymer 'ACETIC ACID'
4 water water
#
_entity_poly.entity_id   1
_entity_poly.type   'polypeptide(L)'
_entity_poly.pdbx_seq_one_letter_code
;STTGIIMENVTAFWEEGFGELLEKVQQSNGDRKHSSDENNVSFSHLCLVGNPVLKNINLNIEKGEMLAITGSTGSGKTSL
LMLILGELEASEGIIKHSGRVSFCSQFSWIMPGTIKENIIFGVSYDEYRYKSVVKACQLQQDITKFAEQDNTVLGEGGVT
LSGGQRARISLARAVYKDADLYLLDSPFGYLDVFTEEQVFESCVCKLMANKTRILVTSKMEHLRKADKILILHQGSSYFY
GTFSELQSLRPDFSSKLMGYDTFDQFTEERRSSILTETLRRFSVDD
;
_entity_poly.pdbx_strand_id   A,B,C,D
#
loop_
_chem_comp.id
_chem_comp.type
_chem_comp.name
_chem_comp.formula
ACY non-polymer 'ACETIC ACID' 'C2 H4 O2'
ADP non-polymer ADENOSINE-5'-DIPHOSPHATE 'C10 H15 N5 O10 P2'
#
# COMPACT_ATOMS: atom_id res chain seq x y z
N THR A 3 28.79 6.31 -11.33
CA THR A 3 30.00 6.49 -10.43
C THR A 3 31.10 5.56 -10.86
N GLY A 4 32.34 6.02 -10.59
CA GLY A 4 33.57 5.24 -10.68
C GLY A 4 33.90 4.70 -9.29
N ILE A 5 35.04 4.04 -9.17
CA ILE A 5 35.48 3.63 -7.86
C ILE A 5 36.98 3.79 -7.77
N ILE A 6 37.45 4.28 -6.63
CA ILE A 6 38.86 4.43 -6.38
C ILE A 6 39.25 3.84 -5.05
N MET A 7 40.33 3.05 -5.06
CA MET A 7 41.00 2.67 -3.82
C MET A 7 42.45 3.09 -3.93
N GLU A 8 42.89 3.92 -2.99
CA GLU A 8 44.31 4.31 -2.89
C GLU A 8 44.93 3.71 -1.63
N ASN A 9 45.76 2.72 -1.86
CA ASN A 9 46.57 2.13 -0.84
C ASN A 9 45.80 1.67 0.43
N VAL A 10 44.70 0.95 0.19
CA VAL A 10 43.76 0.52 1.20
C VAL A 10 44.28 -0.75 1.90
N THR A 11 44.18 -0.77 3.23
CA THR A 11 44.38 -2.00 3.97
C THR A 11 43.21 -2.22 4.93
N ALA A 12 42.87 -3.50 5.14
CA ALA A 12 41.74 -3.86 6.02
C ALA A 12 42.06 -5.10 6.82
N PHE A 13 41.76 -4.98 8.11
CA PHE A 13 42.09 -6.02 9.08
C PHE A 13 40.89 -6.88 9.35
N TRP A 14 41.13 -8.14 9.70
CA TRP A 14 40.16 -9.00 10.37
C TRP A 14 39.63 -8.29 11.59
N GLU A 15 38.31 -8.28 11.73
CA GLU A 15 37.65 -7.70 12.90
C GLU A 15 36.49 -8.65 13.25
N GLU A 16 35.97 -8.50 14.47
CA GLU A 16 35.06 -9.45 15.10
C GLU A 16 33.87 -9.57 14.20
N GLY A 17 33.60 -10.77 13.72
CA GLY A 17 32.40 -11.09 12.96
C GLY A 17 32.49 -11.16 11.45
N PHE A 18 33.66 -10.92 10.89
CA PHE A 18 33.75 -10.84 9.45
C PHE A 18 33.82 -12.23 8.80
N GLY A 19 34.56 -13.15 9.39
CA GLY A 19 34.57 -14.53 8.95
C GLY A 19 33.17 -15.16 8.89
N GLU A 20 32.30 -14.81 9.81
CA GLU A 20 30.96 -15.36 9.78
C GLU A 20 30.14 -14.72 8.66
N LEU A 21 30.34 -13.44 8.45
CA LEU A 21 29.75 -12.77 7.31
C LEU A 21 30.25 -13.47 6.01
N LEU A 22 31.59 -13.62 5.91
CA LEU A 22 32.23 -14.29 4.79
C LEU A 22 31.55 -15.62 4.51
N GLU A 23 31.17 -16.31 5.60
CA GLU A 23 30.59 -17.64 5.55
C GLU A 23 29.17 -17.67 4.93
N LYS A 24 28.26 -16.86 5.47
CA LYS A 24 27.02 -16.57 4.80
C LYS A 24 27.25 -16.21 3.35
N VAL A 25 28.07 -15.21 3.07
CA VAL A 25 28.12 -14.68 1.71
C VAL A 25 28.71 -15.65 0.63
N GLN A 26 29.45 -16.64 1.10
CA GLN A 26 29.95 -17.73 0.25
C GLN A 26 29.27 -19.05 0.65
N SER A 42 40.97 -19.95 12.35
CA SER A 42 40.24 -19.34 13.49
C SER A 42 40.06 -17.82 13.46
N PHE A 43 38.88 -17.35 13.05
CA PHE A 43 38.54 -15.90 13.04
C PHE A 43 39.01 -15.16 14.33
N SER A 44 38.73 -15.71 15.51
CA SER A 44 39.12 -15.03 16.74
C SER A 44 40.58 -14.75 16.68
N HIS A 45 41.36 -15.78 16.38
CA HIS A 45 42.81 -15.62 16.33
C HIS A 45 43.29 -14.57 15.32
N LEU A 46 42.55 -14.43 14.23
CA LEU A 46 42.89 -13.48 13.19
C LEU A 46 42.59 -12.05 13.65
N CYS A 47 41.60 -11.91 14.54
CA CYS A 47 41.31 -10.61 15.14
C CYS A 47 42.19 -10.33 16.32
N LEU A 48 42.59 -11.39 17.02
CA LEU A 48 43.41 -11.19 18.21
C LEU A 48 44.77 -10.69 17.76
N VAL A 49 45.33 -11.40 16.77
CA VAL A 49 46.69 -11.16 16.30
C VAL A 49 46.86 -9.83 15.51
N GLY A 50 45.79 -9.28 14.93
CA GLY A 50 45.90 -8.06 14.12
C GLY A 50 46.45 -8.40 12.73
N ASN A 51 45.54 -8.60 11.80
CA ASN A 51 45.90 -9.24 10.53
C ASN A 51 45.10 -8.69 9.37
N PRO A 52 45.83 -8.35 8.31
CA PRO A 52 45.23 -7.83 7.07
C PRO A 52 44.48 -8.95 6.40
N VAL A 53 43.23 -8.71 6.04
CA VAL A 53 42.62 -9.61 5.09
C VAL A 53 43.02 -9.13 3.67
N LEU A 54 43.19 -7.81 3.51
CA LEU A 54 43.74 -7.19 2.30
C LEU A 54 44.70 -6.06 2.68
N LYS A 55 45.72 -5.83 1.85
CA LYS A 55 46.87 -5.01 2.22
C LYS A 55 47.33 -4.33 0.95
N ASN A 56 47.45 -3.02 1.02
CA ASN A 56 47.98 -2.23 -0.09
C ASN A 56 47.20 -2.38 -1.40
N ILE A 57 45.86 -2.32 -1.36
CA ILE A 57 45.06 -2.49 -2.58
C ILE A 57 44.97 -1.16 -3.28
N ASN A 58 45.27 -1.15 -4.56
CA ASN A 58 45.04 0.06 -5.33
C ASN A 58 44.24 -0.34 -6.54
N LEU A 59 43.15 0.38 -6.80
CA LEU A 59 42.45 0.23 -8.11
C LEU A 59 41.84 1.62 -8.49
N ASN A 60 41.68 1.90 -9.78
CA ASN A 60 41.03 3.18 -10.14
C ASN A 60 40.12 2.94 -11.34
N ILE A 61 38.81 2.97 -11.16
CA ILE A 61 37.94 2.41 -12.18
C ILE A 61 37.03 3.53 -12.52
N GLU A 62 36.97 3.88 -13.81
CA GLU A 62 36.03 4.92 -14.33
C GLU A 62 34.58 4.51 -14.46
N LYS A 63 33.66 5.46 -14.25
CA LYS A 63 32.27 5.31 -14.67
C LYS A 63 32.23 4.47 -15.93
N GLY A 64 31.41 3.42 -15.85
CA GLY A 64 31.09 2.59 -16.97
C GLY A 64 32.14 1.59 -17.30
N GLU A 65 33.21 1.44 -16.55
CA GLU A 65 34.18 0.42 -16.90
C GLU A 65 33.91 -0.93 -16.16
N MET A 66 34.50 -2.01 -16.64
CA MET A 66 34.41 -3.33 -16.03
C MET A 66 35.83 -3.65 -15.48
N LEU A 67 35.88 -3.80 -14.14
CA LEU A 67 37.00 -4.45 -13.41
C LEU A 67 36.77 -5.98 -13.31
N ALA A 68 37.69 -6.77 -13.86
CA ALA A 68 37.74 -8.20 -13.58
C ALA A 68 38.75 -8.54 -12.43
N ILE A 69 38.21 -9.21 -11.42
CA ILE A 69 38.93 -9.63 -10.24
C ILE A 69 39.09 -11.14 -10.34
N THR A 70 40.33 -11.61 -10.37
CA THR A 70 40.62 -13.01 -10.22
C THR A 70 41.73 -13.20 -9.19
N GLY A 71 42.24 -14.41 -9.01
CA GLY A 71 43.28 -14.62 -7.99
C GLY A 71 43.20 -16.05 -7.55
N SER A 72 43.96 -16.46 -6.53
CA SER A 72 43.96 -17.87 -6.09
C SER A 72 42.78 -18.01 -5.21
N THR A 73 42.42 -19.24 -4.83
CA THR A 73 41.34 -19.32 -3.91
C THR A 73 41.64 -18.78 -2.51
N GLY A 74 40.61 -18.31 -1.82
CA GLY A 74 40.80 -17.58 -0.57
C GLY A 74 41.91 -16.53 -0.62
N SER A 75 41.92 -15.71 -1.66
CA SER A 75 42.87 -14.57 -1.69
C SER A 75 42.33 -13.24 -1.23
N GLY A 76 41.03 -13.14 -0.97
CA GLY A 76 40.41 -11.87 -0.52
C GLY A 76 39.43 -11.30 -1.55
N LYS A 77 39.12 -12.09 -2.56
CA LYS A 77 38.23 -11.62 -3.60
C LYS A 77 36.89 -11.18 -3.01
N THR A 78 36.23 -12.06 -2.30
CA THR A 78 34.93 -11.70 -1.74
C THR A 78 35.10 -10.53 -0.82
N SER A 79 36.21 -10.55 -0.07
CA SER A 79 36.43 -9.60 1.03
C SER A 79 36.57 -8.20 0.49
N LEU A 80 37.16 -8.09 -0.71
CA LEU A 80 37.24 -6.81 -1.39
C LEU A 80 35.83 -6.31 -1.71
N LEU A 81 34.90 -7.17 -2.05
CA LEU A 81 33.54 -6.69 -2.27
C LEU A 81 32.86 -6.18 -0.97
N MET A 82 33.11 -6.89 0.13
CA MET A 82 32.50 -6.47 1.42
C MET A 82 32.93 -5.10 1.84
N LEU A 83 34.14 -4.74 1.43
CA LEU A 83 34.76 -3.46 1.77
C LEU A 83 34.04 -2.38 0.97
N ILE A 84 33.85 -2.62 -0.32
CA ILE A 84 32.92 -1.84 -1.10
C ILE A 84 31.55 -1.79 -0.44
N LEU A 85 31.02 -2.90 0.00
CA LEU A 85 29.69 -2.83 0.60
C LEU A 85 29.68 -2.17 1.94
N GLY A 86 30.87 -1.94 2.54
CA GLY A 86 30.97 -1.33 3.87
C GLY A 86 30.84 -2.30 5.05
N GLU A 87 30.88 -3.61 4.78
CA GLU A 87 30.80 -4.63 5.80
C GLU A 87 32.17 -4.90 6.39
N LEU A 88 33.20 -4.47 5.67
CA LEU A 88 34.58 -4.55 6.17
C LEU A 88 35.03 -3.14 6.11
N GLU A 89 36.00 -2.78 6.95
CA GLU A 89 36.38 -1.40 7.23
C GLU A 89 37.76 -1.12 6.73
N ALA A 90 38.02 0.02 6.14
CA ALA A 90 39.37 0.29 5.69
C ALA A 90 40.17 0.93 6.82
N SER A 91 41.15 0.23 7.36
CA SER A 91 41.93 0.80 8.46
C SER A 91 42.90 1.81 7.93
N GLU A 92 43.32 1.61 6.69
CA GLU A 92 44.18 2.56 6.02
C GLU A 92 43.68 2.82 4.64
N GLY A 93 44.17 3.90 4.08
CA GLY A 93 43.95 4.19 2.70
C GLY A 93 42.60 4.81 2.49
N ILE A 94 42.44 5.27 1.27
CA ILE A 94 41.25 5.94 0.80
C ILE A 94 40.46 5.05 -0.21
N ILE A 95 39.16 4.93 0.06
CA ILE A 95 38.23 4.42 -0.95
C ILE A 95 37.18 5.45 -1.38
N LYS A 96 37.02 5.67 -2.68
CA LYS A 96 35.95 6.55 -3.17
C LYS A 96 35.04 5.87 -4.18
N HIS A 97 33.74 5.98 -3.91
CA HIS A 97 32.69 5.58 -4.81
C HIS A 97 31.44 6.12 -4.16
N SER A 98 30.45 6.47 -4.95
CA SER A 98 29.27 7.15 -4.43
C SER A 98 28.15 6.50 -5.18
N GLY A 99 26.94 6.51 -4.66
CA GLY A 99 25.88 5.87 -5.43
C GLY A 99 25.37 4.58 -4.82
N ARG A 100 24.25 4.10 -5.37
CA ARG A 100 23.64 2.85 -5.02
C ARG A 100 24.59 1.73 -5.48
N VAL A 101 24.78 0.71 -4.67
CA VAL A 101 25.39 -0.52 -5.16
C VAL A 101 24.47 -1.72 -5.16
N SER A 102 24.69 -2.59 -6.14
CA SER A 102 23.93 -3.80 -6.32
C SER A 102 24.89 -4.93 -6.31
N PHE A 103 24.57 -5.94 -5.49
CA PHE A 103 25.46 -7.01 -5.13
C PHE A 103 24.75 -8.29 -5.51
N CYS A 104 25.35 -9.06 -6.40
CA CYS A 104 24.89 -10.39 -6.66
C CYS A 104 25.95 -11.32 -5.98
N SER A 105 25.60 -11.95 -4.87
CA SER A 105 26.52 -12.91 -4.23
C SER A 105 26.65 -14.24 -4.97
N GLN A 106 27.79 -14.83 -4.69
CA GLN A 106 28.02 -16.21 -5.05
C GLN A 106 26.86 -17.14 -4.52
N PHE A 107 26.30 -16.88 -3.33
CA PHE A 107 25.08 -17.62 -2.94
C PHE A 107 23.85 -17.05 -3.65
N SER A 108 23.07 -17.91 -4.30
CA SER A 108 21.92 -17.48 -5.11
C SER A 108 20.72 -17.62 -4.27
N TRP A 109 20.37 -16.61 -3.54
CA TRP A 109 19.19 -16.72 -2.77
C TRP A 109 17.89 -16.58 -3.55
N ILE A 110 16.86 -17.28 -3.09
CA ILE A 110 15.57 -17.40 -3.76
C ILE A 110 14.49 -17.20 -2.73
N MET A 111 13.56 -16.30 -2.98
CA MET A 111 12.46 -16.03 -2.06
C MET A 111 11.15 -16.73 -2.54
N PRO A 112 10.30 -17.13 -1.62
CA PRO A 112 9.04 -17.69 -2.02
C PRO A 112 8.38 -16.72 -2.98
N GLY A 113 7.76 -17.26 -4.06
CA GLY A 113 7.06 -16.46 -5.07
C GLY A 113 7.52 -16.90 -6.45
N THR A 114 6.97 -16.30 -7.49
CA THR A 114 7.31 -16.66 -8.84
C THR A 114 8.71 -16.20 -9.23
N ILE A 115 9.19 -16.74 -10.36
CA ILE A 115 10.47 -16.35 -10.93
C ILE A 115 10.45 -14.87 -11.18
N LYS A 116 9.38 -14.37 -11.83
CA LYS A 116 9.26 -12.97 -12.09
C LYS A 116 9.38 -12.15 -10.71
N GLU A 117 8.65 -12.56 -9.68
CA GLU A 117 8.62 -11.87 -8.38
C GLU A 117 10.01 -11.91 -7.78
N ASN A 118 10.75 -13.01 -7.95
CA ASN A 118 12.13 -12.98 -7.55
C ASN A 118 12.99 -12.00 -8.27
N ILE A 119 12.81 -11.80 -9.60
CA ILE A 119 13.68 -10.84 -10.33
C ILE A 119 13.34 -9.38 -9.96
N ILE A 120 12.07 -9.09 -9.72
CA ILE A 120 11.78 -7.71 -9.35
C ILE A 120 11.70 -7.51 -7.81
N PHE A 121 12.35 -8.34 -7.05
CA PHE A 121 12.10 -8.37 -5.63
C PHE A 121 12.30 -7.03 -4.93
N GLY A 122 11.18 -6.56 -4.38
CA GLY A 122 11.03 -5.28 -3.72
C GLY A 122 11.31 -4.03 -4.54
N VAL A 123 10.98 -4.05 -5.82
CA VAL A 123 11.33 -2.98 -6.74
C VAL A 123 10.16 -2.87 -7.76
N SER A 124 9.83 -1.73 -8.28
CA SER A 124 8.62 -1.79 -9.09
C SER A 124 8.90 -2.35 -10.49
N TYR A 125 7.83 -2.97 -11.01
CA TYR A 125 7.83 -3.57 -12.29
C TYR A 125 7.82 -2.53 -13.33
N ASP A 126 8.67 -2.74 -14.32
CA ASP A 126 8.69 -1.94 -15.52
C ASP A 126 9.03 -2.88 -16.69
N GLU A 127 8.06 -3.03 -17.63
CA GLU A 127 8.07 -4.01 -18.70
C GLU A 127 9.29 -3.98 -19.57
N TYR A 128 9.59 -2.85 -20.15
CA TYR A 128 10.73 -2.79 -21.05
C TYR A 128 11.93 -3.25 -20.23
N ARG A 129 12.08 -2.80 -18.99
CA ARG A 129 13.31 -3.05 -18.23
C ARG A 129 13.40 -4.59 -17.92
N TYR A 130 12.30 -5.14 -17.40
CA TYR A 130 12.19 -6.53 -17.11
C TYR A 130 12.56 -7.39 -18.32
N LYS A 131 11.92 -7.14 -19.47
CA LYS A 131 12.01 -8.08 -20.58
C LYS A 131 13.42 -8.05 -21.06
N SER A 132 14.02 -6.90 -20.91
CA SER A 132 15.32 -6.80 -21.42
C SER A 132 16.37 -7.53 -20.49
N VAL A 133 16.20 -7.40 -19.19
CA VAL A 133 17.01 -8.13 -18.23
C VAL A 133 16.88 -9.68 -18.40
N VAL A 134 15.65 -10.16 -18.49
CA VAL A 134 15.30 -11.52 -18.77
C VAL A 134 15.97 -12.03 -20.03
N LYS A 135 15.97 -11.27 -21.12
CA LYS A 135 16.53 -11.79 -22.34
C LYS A 135 18.01 -11.82 -22.20
N ALA A 136 18.62 -10.75 -21.68
CA ALA A 136 20.12 -10.76 -21.59
C ALA A 136 20.76 -11.77 -20.52
N CYS A 137 20.02 -12.12 -19.48
CA CYS A 137 20.49 -13.15 -18.48
C CYS A 137 20.16 -14.56 -19.03
N GLN A 138 19.72 -14.63 -20.30
CA GLN A 138 19.41 -15.91 -20.93
C GLN A 138 18.37 -16.69 -20.19
N LEU A 139 17.33 -16.01 -19.73
CA LEU A 139 16.35 -16.71 -18.92
C LEU A 139 15.29 -17.16 -19.82
N GLN A 140 15.29 -16.61 -21.02
CA GLN A 140 14.22 -17.08 -21.93
C GLN A 140 14.28 -18.58 -22.21
N GLN A 141 15.47 -19.15 -22.43
CA GLN A 141 15.57 -20.62 -22.57
C GLN A 141 15.14 -21.34 -21.30
N ASP A 142 15.33 -20.77 -20.11
CA ASP A 142 14.80 -21.48 -18.92
C ASP A 142 13.31 -21.40 -18.88
N ILE A 143 12.74 -20.19 -18.96
CA ILE A 143 11.35 -20.10 -18.51
C ILE A 143 10.43 -20.78 -19.51
N THR A 144 10.95 -20.98 -20.71
CA THR A 144 10.18 -21.58 -21.77
C THR A 144 9.98 -23.03 -21.57
N LYS A 145 10.68 -23.64 -20.63
CA LYS A 145 10.38 -25.04 -20.33
C LYS A 145 9.30 -25.25 -19.34
N PHE A 146 8.74 -24.17 -18.76
CA PHE A 146 7.81 -24.34 -17.65
C PHE A 146 6.38 -24.00 -18.14
N ALA A 147 5.36 -24.68 -17.64
CA ALA A 147 4.05 -24.37 -18.16
C ALA A 147 3.71 -22.86 -17.94
N GLU A 148 4.07 -22.27 -16.78
CA GLU A 148 3.64 -20.88 -16.47
C GLU A 148 4.78 -19.91 -16.66
N GLN A 149 5.87 -20.40 -17.26
CA GLN A 149 6.99 -19.54 -17.60
C GLN A 149 7.46 -18.74 -16.40
N ASP A 150 7.61 -17.42 -16.54
CA ASP A 150 8.09 -16.70 -15.37
C ASP A 150 7.02 -16.51 -14.27
N ASN A 151 5.83 -17.07 -14.44
CA ASN A 151 4.91 -17.04 -13.33
C ASN A 151 5.00 -18.34 -12.48
N THR A 152 6.00 -19.16 -12.78
CA THR A 152 6.17 -20.42 -12.07
C THR A 152 6.54 -20.08 -10.63
N VAL A 153 5.86 -20.74 -9.70
CA VAL A 153 6.17 -20.65 -8.28
C VAL A 153 7.40 -21.54 -7.84
N LEU A 154 8.34 -20.90 -7.13
CA LEU A 154 9.46 -21.51 -6.46
C LEU A 154 9.42 -21.56 -4.88
N GLY A 155 9.84 -22.62 -4.24
CA GLY A 155 10.25 -22.51 -2.83
C GLY A 155 11.63 -21.93 -2.61
N GLU A 156 11.90 -21.33 -1.43
CA GLU A 156 13.21 -20.61 -1.22
C GLU A 156 14.28 -21.65 -1.40
N GLY A 157 15.54 -21.19 -1.53
CA GLY A 157 16.57 -21.99 -2.17
C GLY A 157 16.09 -22.43 -3.56
N GLY A 158 14.79 -22.28 -3.97
CA GLY A 158 14.35 -22.85 -5.33
C GLY A 158 15.23 -24.12 -5.79
N VAL A 159 15.13 -25.13 -4.95
CA VAL A 159 16.06 -26.18 -4.80
C VAL A 159 15.97 -27.24 -5.94
N THR A 160 14.85 -27.35 -6.70
CA THR A 160 14.80 -28.25 -7.86
C THR A 160 15.39 -27.75 -9.21
N LEU A 161 15.76 -26.48 -9.24
CA LEU A 161 16.45 -25.83 -10.35
C LEU A 161 17.94 -26.27 -10.38
N SER A 162 18.65 -26.04 -11.50
CA SER A 162 20.09 -26.21 -11.53
C SER A 162 20.78 -25.04 -10.85
N GLY A 163 22.03 -25.22 -10.44
CA GLY A 163 22.83 -24.09 -10.00
C GLY A 163 22.81 -22.88 -10.95
N GLY A 164 22.94 -23.11 -12.28
CA GLY A 164 22.96 -22.04 -13.31
C GLY A 164 21.58 -21.31 -13.41
N GLN A 165 20.47 -22.05 -13.34
CA GLN A 165 19.16 -21.44 -13.28
C GLN A 165 19.05 -20.57 -12.05
N ARG A 166 19.46 -21.03 -10.88
CA ARG A 166 19.37 -20.18 -9.69
C ARG A 166 20.30 -18.96 -9.89
N ALA A 167 21.48 -19.15 -10.45
CA ALA A 167 22.43 -18.04 -10.57
C ALA A 167 21.93 -17.00 -11.60
N ARG A 168 21.22 -17.45 -12.65
CA ARG A 168 20.80 -16.45 -13.65
C ARG A 168 19.62 -15.62 -13.05
N ILE A 169 18.75 -16.22 -12.23
CA ILE A 169 17.64 -15.53 -11.66
C ILE A 169 18.25 -14.53 -10.66
N SER A 170 19.20 -14.96 -9.85
CA SER A 170 19.78 -14.03 -8.91
C SER A 170 20.69 -13.01 -9.60
N LEU A 171 21.35 -13.33 -10.74
CA LEU A 171 21.96 -12.24 -11.57
C LEU A 171 20.89 -11.27 -12.10
N ALA A 172 19.76 -11.78 -12.60
CA ALA A 172 18.78 -10.91 -13.23
C ALA A 172 18.26 -9.97 -12.15
N ARG A 173 18.16 -10.46 -10.90
CA ARG A 173 17.62 -9.63 -9.86
C ARG A 173 18.57 -8.49 -9.57
N ALA A 174 19.85 -8.80 -9.46
CA ALA A 174 20.84 -7.77 -9.21
C ALA A 174 21.03 -6.71 -10.36
N VAL A 175 21.02 -7.18 -11.60
CA VAL A 175 21.18 -6.32 -12.80
C VAL A 175 19.93 -5.44 -12.96
N TYR A 176 18.74 -5.92 -12.54
CA TYR A 176 17.50 -5.15 -12.57
C TYR A 176 17.39 -4.00 -11.57
N LYS A 177 17.96 -4.18 -10.40
CA LYS A 177 18.28 -3.06 -9.54
C LYS A 177 19.01 -1.96 -10.32
N ASP A 178 18.49 -0.75 -10.17
CA ASP A 178 19.07 0.47 -10.68
C ASP A 178 20.13 0.96 -9.75
N ALA A 179 21.39 0.92 -10.13
CA ALA A 179 22.41 1.19 -9.13
C ALA A 179 23.54 1.83 -9.90
N ASP A 180 24.48 2.46 -9.22
CA ASP A 180 25.60 3.03 -9.96
C ASP A 180 26.75 2.08 -10.08
N LEU A 181 26.82 1.06 -9.23
CA LEU A 181 27.94 0.14 -9.25
C LEU A 181 27.39 -1.28 -9.08
N TYR A 182 27.81 -2.19 -9.95
CA TYR A 182 27.39 -3.59 -9.86
C TYR A 182 28.49 -4.50 -9.42
N LEU A 183 28.25 -5.24 -8.32
CA LEU A 183 29.24 -6.20 -7.77
C LEU A 183 28.72 -7.56 -8.02
N LEU A 184 29.44 -8.32 -8.81
CA LEU A 184 28.92 -9.61 -9.26
C LEU A 184 29.92 -10.69 -8.87
N ASP A 185 29.62 -11.43 -7.81
CA ASP A 185 30.63 -12.36 -7.26
C ASP A 185 30.57 -13.76 -7.84
N SER A 186 31.38 -14.06 -8.85
CA SER A 186 31.41 -15.40 -9.49
C SER A 186 30.09 -16.01 -9.97
N PRO A 187 29.29 -15.30 -10.76
CA PRO A 187 28.12 -15.97 -11.34
C PRO A 187 28.56 -17.14 -12.23
N PHE A 188 29.75 -17.13 -12.85
CA PHE A 188 29.97 -18.06 -13.99
C PHE A 188 30.85 -19.25 -13.56
N GLY A 189 30.27 -20.13 -12.77
CA GLY A 189 31.05 -21.13 -12.09
C GLY A 189 30.42 -22.47 -12.27
N TYR A 190 29.39 -22.61 -13.12
CA TYR A 190 28.72 -23.92 -13.29
C TYR A 190 29.05 -24.67 -14.57
N LEU A 191 28.53 -25.91 -14.70
CA LEU A 191 28.73 -26.76 -15.83
C LEU A 191 28.14 -26.23 -17.15
N ASP A 192 26.96 -25.55 -17.16
CA ASP A 192 26.37 -25.14 -18.44
C ASP A 192 27.16 -23.96 -19.03
N VAL A 193 28.33 -24.29 -19.50
CA VAL A 193 29.37 -23.36 -19.82
C VAL A 193 29.12 -22.47 -21.10
N PHE A 194 28.42 -23.00 -22.11
CA PHE A 194 28.01 -22.23 -23.30
C PHE A 194 26.93 -21.17 -22.99
N THR A 195 25.98 -21.51 -22.12
CA THR A 195 25.08 -20.51 -21.56
C THR A 195 25.86 -19.40 -20.82
N GLU A 196 26.80 -19.75 -19.95
CA GLU A 196 27.55 -18.75 -19.22
C GLU A 196 28.31 -17.75 -20.13
N GLU A 197 28.81 -18.25 -21.26
CA GLU A 197 29.49 -17.44 -22.25
C GLU A 197 28.52 -16.48 -22.88
N GLN A 198 27.27 -16.90 -23.13
CA GLN A 198 26.30 -16.02 -23.76
C GLN A 198 25.83 -15.02 -22.75
N VAL A 199 25.71 -15.40 -21.45
CA VAL A 199 25.34 -14.43 -20.41
C VAL A 199 26.40 -13.38 -20.30
N PHE A 200 27.64 -13.79 -20.17
CA PHE A 200 28.70 -12.81 -20.06
C PHE A 200 28.62 -11.80 -21.23
N GLU A 201 28.42 -12.31 -22.45
CA GLU A 201 28.47 -11.45 -23.65
C GLU A 201 27.22 -10.55 -23.67
N SER A 202 26.05 -11.11 -23.46
CA SER A 202 24.87 -10.32 -23.45
C SER A 202 24.53 -9.44 -22.25
N CYS A 203 24.82 -9.91 -21.05
CA CYS A 203 24.45 -9.17 -19.87
C CYS A 203 25.63 -8.29 -19.47
N VAL A 204 26.78 -8.86 -19.24
CA VAL A 204 27.89 -8.12 -18.69
C VAL A 204 28.51 -7.19 -19.77
N CYS A 205 28.73 -7.70 -20.99
CA CYS A 205 29.29 -6.90 -22.05
C CYS A 205 28.33 -5.92 -22.82
N LYS A 206 27.08 -6.25 -23.08
CA LYS A 206 26.22 -5.35 -23.83
C LYS A 206 25.24 -4.61 -22.97
N LEU A 207 24.29 -5.33 -22.36
CA LEU A 207 23.32 -4.60 -21.58
C LEU A 207 24.03 -3.69 -20.55
N MET A 208 25.12 -4.15 -19.95
CA MET A 208 25.76 -3.38 -18.85
C MET A 208 26.93 -2.53 -19.36
N ALA A 209 27.10 -2.50 -20.69
CA ALA A 209 28.33 -1.88 -21.26
C ALA A 209 28.67 -0.52 -20.60
N ASN A 210 27.66 0.23 -20.17
CA ASN A 210 27.90 1.53 -19.56
C ASN A 210 27.70 1.62 -18.05
N LYS A 211 27.47 0.49 -17.38
CA LYS A 211 27.32 0.51 -15.92
C LYS A 211 28.62 0.11 -15.38
N THR A 212 29.13 0.85 -14.39
CA THR A 212 30.35 0.45 -13.73
C THR A 212 30.20 -0.90 -13.03
N ARG A 213 31.20 -1.76 -13.14
CA ARG A 213 30.89 -3.09 -12.68
C ARG A 213 32.12 -3.86 -12.30
N ILE A 214 31.97 -4.71 -11.29
CA ILE A 214 33.11 -5.51 -10.86
C ILE A 214 32.63 -6.94 -10.90
N LEU A 215 33.36 -7.74 -11.63
CA LEU A 215 33.04 -9.11 -11.87
C LEU A 215 34.13 -10.01 -11.22
N VAL A 216 33.83 -10.79 -10.18
CA VAL A 216 34.88 -11.69 -9.70
C VAL A 216 34.81 -12.90 -10.60
N THR A 217 35.96 -13.51 -10.97
CA THR A 217 35.96 -14.49 -12.06
C THR A 217 37.17 -15.41 -12.16
N SER A 218 37.02 -16.54 -12.84
CA SER A 218 38.18 -17.41 -13.09
C SER A 218 38.20 -17.88 -14.54
N LYS A 219 37.70 -17.02 -15.42
CA LYS A 219 37.76 -17.27 -16.85
C LYS A 219 38.60 -16.18 -17.53
N MET A 220 39.49 -16.56 -18.43
CA MET A 220 40.47 -15.65 -18.95
C MET A 220 39.83 -14.72 -19.96
N GLU A 221 38.80 -15.19 -20.66
CA GLU A 221 38.04 -14.28 -21.51
C GLU A 221 37.53 -13.00 -20.79
N HIS A 222 37.27 -13.10 -19.50
CA HIS A 222 36.69 -11.99 -18.80
C HIS A 222 37.79 -10.98 -18.50
N LEU A 223 39.00 -11.51 -18.32
CA LEU A 223 40.13 -10.59 -18.09
C LEU A 223 40.41 -9.94 -19.45
N ARG A 224 40.29 -10.72 -20.51
CA ARG A 224 40.54 -10.24 -21.83
C ARG A 224 39.61 -9.08 -22.27
N LYS A 225 38.34 -9.14 -21.87
CA LYS A 225 37.42 -8.07 -22.20
C LYS A 225 37.35 -7.00 -21.13
N ALA A 226 38.04 -7.18 -20.00
CA ALA A 226 37.88 -6.21 -18.94
C ALA A 226 38.56 -4.92 -19.33
N ASP A 227 38.03 -3.82 -18.80
CA ASP A 227 38.71 -2.54 -18.89
C ASP A 227 39.92 -2.47 -17.97
N LYS A 228 39.76 -3.05 -16.78
CA LYS A 228 40.80 -3.15 -15.80
C LYS A 228 40.83 -4.57 -15.25
N ILE A 229 41.92 -4.94 -14.56
CA ILE A 229 42.09 -6.30 -14.04
C ILE A 229 42.81 -6.21 -12.72
N LEU A 230 42.40 -7.02 -11.77
CA LEU A 230 42.99 -7.07 -10.46
C LEU A 230 43.19 -8.57 -10.17
N ILE A 231 44.43 -9.00 -9.94
CA ILE A 231 44.70 -10.36 -9.53
C ILE A 231 45.09 -10.36 -8.05
N LEU A 232 44.43 -11.19 -7.24
CA LEU A 232 44.74 -11.25 -5.83
C LEU A 232 45.43 -12.56 -5.45
N HIS A 233 46.33 -12.49 -4.48
CA HIS A 233 46.95 -13.69 -3.94
C HIS A 233 47.27 -13.36 -2.50
N GLN A 234 46.68 -14.13 -1.57
CA GLN A 234 47.06 -13.99 -0.17
C GLN A 234 46.86 -12.61 0.33
N GLY A 235 45.75 -11.97 -0.04
CA GLY A 235 45.33 -10.75 0.62
C GLY A 235 46.01 -9.59 -0.05
N SER A 236 46.67 -9.93 -1.15
CA SER A 236 47.59 -9.08 -1.77
C SER A 236 47.35 -9.00 -3.25
N SER A 237 47.71 -7.82 -3.77
CA SER A 237 47.57 -7.47 -5.19
C SER A 237 48.70 -8.06 -6.03
N TYR A 238 48.50 -9.18 -6.67
CA TYR A 238 49.55 -9.71 -7.52
C TYR A 238 49.75 -8.91 -8.79
N PHE A 239 48.71 -8.25 -9.31
CA PHE A 239 48.84 -7.45 -10.53
C PHE A 239 47.63 -6.59 -10.62
N TYR A 240 47.79 -5.41 -11.21
CA TYR A 240 46.65 -4.56 -11.42
C TYR A 240 46.94 -3.70 -12.64
N GLY A 241 46.10 -3.79 -13.67
CA GLY A 241 46.13 -2.90 -14.82
C GLY A 241 45.32 -3.45 -15.99
N THR A 242 45.80 -3.28 -17.22
CA THR A 242 45.03 -3.77 -18.35
C THR A 242 45.41 -5.18 -18.75
N PHE A 243 44.56 -5.79 -19.56
CA PHE A 243 44.93 -7.09 -20.07
C PHE A 243 46.25 -6.99 -20.80
N SER A 244 46.45 -5.90 -21.55
CA SER A 244 47.71 -5.71 -22.26
C SER A 244 48.91 -5.57 -21.34
N GLU A 245 48.81 -4.73 -20.32
CA GLU A 245 49.83 -4.68 -19.30
C GLU A 245 50.08 -6.02 -18.66
N LEU A 246 49.05 -6.87 -18.58
CA LEU A 246 49.23 -8.18 -17.95
C LEU A 246 50.14 -9.08 -18.77
N GLN A 247 49.93 -9.06 -20.09
CA GLN A 247 50.66 -9.94 -21.01
C GLN A 247 52.10 -9.55 -21.00
N SER A 248 52.37 -8.25 -20.86
CA SER A 248 53.76 -7.78 -20.91
C SER A 248 54.47 -7.74 -19.56
N LEU A 249 53.73 -7.47 -18.47
CA LEU A 249 54.33 -7.37 -17.12
C LEU A 249 54.29 -8.66 -16.29
N ARG A 250 53.48 -9.62 -16.70
CA ARG A 250 53.34 -10.87 -15.95
C ARG A 250 53.33 -12.02 -16.91
N PRO A 251 54.47 -12.19 -17.59
CA PRO A 251 54.54 -13.02 -18.82
C PRO A 251 54.50 -14.47 -18.49
N ASP A 252 55.01 -14.82 -17.33
CA ASP A 252 54.97 -16.20 -16.89
C ASP A 252 53.55 -16.55 -16.51
N PHE A 253 52.87 -15.64 -15.81
CA PHE A 253 51.46 -15.87 -15.53
C PHE A 253 50.70 -16.00 -16.84
N SER A 254 50.83 -14.99 -17.73
CA SER A 254 50.10 -14.98 -19.02
C SER A 254 50.31 -16.25 -19.85
N SER A 255 51.57 -16.61 -20.03
CA SER A 255 51.89 -17.62 -21.02
C SER A 255 51.30 -18.91 -20.55
N LYS A 256 51.35 -19.13 -19.24
CA LYS A 256 50.80 -20.31 -18.62
C LYS A 256 49.29 -20.31 -18.74
N LEU A 257 48.66 -19.17 -18.49
CA LEU A 257 47.20 -19.18 -18.56
C LEU A 257 46.66 -19.15 -19.98
N MET A 258 47.16 -18.25 -20.80
CA MET A 258 46.68 -18.19 -22.15
C MET A 258 47.13 -19.42 -22.96
N GLY A 259 47.97 -20.27 -22.38
CA GLY A 259 48.49 -21.42 -23.09
C GLY A 259 47.66 -22.68 -23.04
N TYR A 260 46.48 -22.65 -22.42
CA TYR A 260 45.57 -23.78 -22.58
C TYR A 260 44.75 -23.42 -23.80
N ASP A 261 44.07 -24.40 -24.36
CA ASP A 261 43.33 -24.06 -25.56
C ASP A 261 41.85 -23.75 -25.28
N THR A 262 41.30 -24.29 -24.17
CA THR A 262 39.97 -23.97 -23.68
C THR A 262 39.88 -24.06 -22.14
N PHE A 263 40.85 -23.44 -21.48
CA PHE A 263 40.83 -23.21 -20.05
C PHE A 263 39.43 -22.79 -19.60
N ASP A 264 38.75 -21.91 -20.36
CA ASP A 264 37.54 -21.31 -19.83
C ASP A 264 36.45 -22.35 -19.70
N GLN A 265 36.67 -23.50 -20.35
CA GLN A 265 35.68 -24.56 -20.28
C GLN A 265 35.98 -25.65 -19.31
N PHE A 266 37.11 -25.57 -18.60
CA PHE A 266 37.37 -26.47 -17.50
C PHE A 266 36.34 -26.04 -16.39
N THR A 267 36.21 -26.87 -15.36
CA THR A 267 35.27 -26.61 -14.29
C THR A 267 35.90 -25.55 -13.47
N GLU A 268 35.05 -24.90 -12.71
CA GLU A 268 35.48 -23.77 -11.95
C GLU A 268 36.64 -24.14 -10.99
N GLU A 269 36.54 -25.33 -10.43
CA GLU A 269 37.50 -25.85 -9.49
C GLU A 269 38.85 -26.09 -10.16
N ARG A 270 38.87 -26.73 -11.36
CA ARG A 270 40.13 -26.85 -12.07
C ARG A 270 40.68 -25.47 -12.34
N ARG A 271 39.91 -24.56 -12.92
CA ARG A 271 40.46 -23.21 -13.26
C ARG A 271 41.01 -22.55 -12.04
N SER A 272 40.25 -22.55 -10.94
CA SER A 272 40.73 -21.88 -9.74
C SER A 272 41.98 -22.60 -9.19
N SER A 273 42.04 -23.92 -9.35
CA SER A 273 43.25 -24.61 -8.86
C SER A 273 44.47 -24.34 -9.77
N ILE A 274 44.28 -24.34 -11.08
CA ILE A 274 45.36 -23.82 -11.94
C ILE A 274 45.75 -22.39 -11.56
N LEU A 275 44.80 -21.49 -11.37
CA LEU A 275 45.19 -20.13 -10.96
C LEU A 275 46.01 -20.11 -9.65
N THR A 276 45.58 -20.90 -8.66
CA THR A 276 46.25 -20.86 -7.37
C THR A 276 47.69 -21.32 -7.52
N GLU A 277 47.87 -22.44 -8.21
CA GLU A 277 49.19 -23.01 -8.42
C GLU A 277 50.05 -22.04 -9.17
N THR A 278 49.50 -21.44 -10.22
CA THR A 278 50.27 -20.48 -10.99
C THR A 278 50.68 -19.28 -10.15
N LEU A 279 49.76 -18.82 -9.31
CA LEU A 279 50.06 -17.68 -8.51
C LEU A 279 51.05 -18.13 -7.44
N ARG A 280 50.91 -19.34 -6.95
CA ARG A 280 51.92 -19.84 -6.00
C ARG A 280 53.34 -19.86 -6.64
N ARG A 281 53.44 -20.50 -7.79
CA ARG A 281 54.68 -20.57 -8.52
C ARG A 281 55.29 -19.21 -8.71
N PHE A 282 54.53 -18.20 -9.21
CA PHE A 282 55.16 -16.97 -9.76
C PHE A 282 55.09 -15.69 -8.95
N SER A 283 55.27 -15.77 -7.64
CA SER A 283 55.11 -14.61 -6.77
C SER A 283 56.21 -13.51 -6.96
N THR B 2 -7.49 5.69 23.64
CA THR B 2 -7.60 5.45 22.17
C THR B 2 -6.77 6.38 21.25
N THR B 3 -6.27 5.77 20.16
CA THR B 3 -5.49 6.45 19.11
C THR B 3 -5.97 6.13 17.71
N GLY B 4 -5.71 7.03 16.76
CA GLY B 4 -5.83 6.69 15.36
C GLY B 4 -4.56 5.95 14.89
N ILE B 5 -4.53 5.49 13.64
CA ILE B 5 -3.24 5.07 13.06
C ILE B 5 -3.12 5.47 11.64
N ILE B 6 -2.01 6.12 11.31
CA ILE B 6 -1.81 6.60 9.94
C ILE B 6 -0.44 6.12 9.41
N MET B 7 -0.43 5.60 8.21
CA MET B 7 0.89 5.32 7.60
C MET B 7 0.95 6.04 6.33
N GLU B 8 1.91 6.94 6.21
CA GLU B 8 2.07 7.64 4.93
C GLU B 8 3.35 7.24 4.13
N ASN B 9 3.12 6.71 2.94
CA ASN B 9 4.15 6.19 2.07
C ASN B 9 5.34 5.50 2.77
N VAL B 10 5.04 4.51 3.61
CA VAL B 10 6.04 3.89 4.44
C VAL B 10 6.68 2.72 3.69
N THR B 11 7.98 2.62 3.86
CA THR B 11 8.74 1.54 3.29
C THR B 11 9.70 1.12 4.39
N ALA B 12 9.87 -0.18 4.56
CA ALA B 12 10.78 -0.65 5.63
C ALA B 12 11.66 -1.74 5.09
N PHE B 13 12.94 -1.61 5.40
CA PHE B 13 13.99 -2.53 4.98
C PHE B 13 14.28 -3.63 5.97
N TRP B 14 14.70 -4.74 5.44
CA TRP B 14 15.26 -5.84 6.18
C TRP B 14 16.45 -5.36 7.03
N GLU B 15 16.45 -5.68 8.32
CA GLU B 15 17.60 -5.40 9.16
C GLU B 15 18.01 -6.63 9.95
N GLU B 16 19.29 -6.69 10.37
CA GLU B 16 19.80 -7.83 11.14
C GLU B 16 18.86 -8.09 12.31
N GLY B 17 18.48 -9.35 12.50
CA GLY B 17 17.75 -9.80 13.66
C GLY B 17 16.29 -9.83 13.37
N PHE B 18 15.89 -9.06 12.36
CA PHE B 18 14.47 -8.95 12.09
C PHE B 18 13.80 -10.28 11.81
N GLY B 19 14.48 -11.13 11.03
CA GLY B 19 13.96 -12.44 10.62
C GLY B 19 13.95 -13.47 11.73
N GLU B 20 14.95 -13.42 12.61
CA GLU B 20 14.89 -14.31 13.79
C GLU B 20 13.70 -13.96 14.68
N LEU B 21 13.46 -12.65 14.78
CA LEU B 21 12.28 -12.12 15.45
C LEU B 21 11.02 -12.68 14.83
N LEU B 22 10.88 -12.49 13.51
CA LEU B 22 9.78 -13.10 12.77
C LEU B 22 9.72 -14.58 12.99
N GLU B 23 10.87 -15.24 13.08
CA GLU B 23 10.82 -16.65 13.43
C GLU B 23 10.04 -16.81 14.76
N LYS B 24 10.43 -16.09 15.80
CA LYS B 24 9.80 -16.18 17.13
C LYS B 24 8.30 -15.88 17.16
N VAL B 25 7.85 -14.96 16.34
CA VAL B 25 6.51 -14.44 16.48
C VAL B 25 5.38 -15.36 15.93
N GLN B 26 5.77 -16.26 15.00
CA GLN B 26 4.80 -17.00 14.19
C GLN B 26 4.86 -18.50 14.52
N SER B 42 17.51 -16.53 3.00
CA SER B 42 18.70 -15.89 3.66
C SER B 42 18.61 -14.45 4.23
N PHE B 43 18.39 -14.36 5.53
CA PHE B 43 18.24 -13.07 6.23
C PHE B 43 19.40 -12.18 6.03
N SER B 44 20.62 -12.72 6.09
CA SER B 44 21.76 -11.80 5.97
C SER B 44 21.98 -11.40 4.51
N HIS B 45 21.51 -12.24 3.61
CA HIS B 45 21.49 -11.83 2.22
C HIS B 45 20.53 -10.66 1.95
N LEU B 46 19.31 -10.71 2.49
CA LEU B 46 18.40 -9.56 2.45
C LEU B 46 18.92 -8.31 3.09
N CYS B 47 19.68 -8.42 4.17
CA CYS B 47 20.22 -7.23 4.82
C CYS B 47 21.46 -6.61 4.16
N LEU B 48 22.33 -7.42 3.54
CA LEU B 48 23.62 -6.91 2.99
C LEU B 48 23.27 -6.04 1.81
N VAL B 49 22.59 -6.72 0.90
CA VAL B 49 21.95 -6.19 -0.29
C VAL B 49 21.08 -4.87 -0.12
N GLY B 50 20.26 -4.74 0.96
CA GLY B 50 19.29 -3.65 1.08
C GLY B 50 17.85 -3.74 0.45
N ASN B 51 16.93 -4.50 1.05
CA ASN B 51 15.65 -4.81 0.43
C ASN B 51 14.45 -4.43 1.30
N PRO B 52 13.42 -3.83 0.69
CA PRO B 52 12.13 -3.57 1.35
C PRO B 52 11.53 -4.87 1.86
N VAL B 53 11.04 -4.96 3.09
CA VAL B 53 10.09 -6.01 3.45
C VAL B 53 8.67 -5.45 3.27
N LEU B 54 8.50 -4.15 3.42
CA LEU B 54 7.20 -3.53 3.16
C LEU B 54 7.54 -2.33 2.36
N LYS B 55 6.74 -2.01 1.34
CA LYS B 55 7.02 -0.77 0.60
C LYS B 55 5.81 0.01 0.12
N ASN B 56 5.98 1.33 0.14
CA ASN B 56 4.88 2.27 -0.12
C ASN B 56 3.60 1.95 0.58
N ILE B 57 3.66 1.70 1.88
CA ILE B 57 2.43 1.32 2.57
C ILE B 57 1.71 2.60 3.01
N ASN B 58 0.42 2.68 2.70
CA ASN B 58 -0.39 3.79 3.19
C ASN B 58 -1.61 3.28 3.91
N LEU B 59 -1.81 3.81 5.09
CA LEU B 59 -3.12 3.65 5.68
C LEU B 59 -3.53 4.81 6.57
N ASN B 60 -4.84 4.89 6.76
CA ASN B 60 -5.42 5.85 7.67
C ASN B 60 -6.65 5.31 8.44
N ILE B 61 -6.41 4.96 9.70
CA ILE B 61 -7.44 4.33 10.54
C ILE B 61 -7.82 5.28 11.66
N GLU B 62 -9.03 5.76 11.57
CA GLU B 62 -9.61 6.55 12.68
C GLU B 62 -9.84 5.74 13.92
N LYS B 63 -9.79 6.42 15.07
CA LYS B 63 -10.39 5.90 16.33
C LYS B 63 -11.62 5.03 16.15
N GLY B 64 -11.52 3.86 16.75
CA GLY B 64 -12.66 3.00 16.96
C GLY B 64 -12.87 2.15 15.77
N GLU B 65 -12.18 2.48 14.68
CA GLU B 65 -12.25 1.73 13.45
C GLU B 65 -11.56 0.30 13.45
N MET B 66 -12.03 -0.60 12.59
CA MET B 66 -11.40 -1.93 12.41
C MET B 66 -10.86 -2.03 10.98
N LEU B 67 -9.51 -2.27 10.93
CA LEU B 67 -8.75 -2.65 9.73
C LEU B 67 -8.61 -4.16 9.67
N ALA B 68 -9.09 -4.79 8.59
CA ALA B 68 -8.88 -6.22 8.36
C ALA B 68 -7.73 -6.26 7.44
N ILE B 69 -6.73 -7.03 7.82
CA ILE B 69 -5.57 -7.14 6.98
C ILE B 69 -5.46 -8.54 6.45
N THR B 70 -5.37 -8.65 5.14
CA THR B 70 -5.12 -9.95 4.54
C THR B 70 -4.11 -9.91 3.38
N GLY B 71 -3.91 -11.05 2.74
CA GLY B 71 -2.92 -11.10 1.69
C GLY B 71 -2.51 -12.53 1.46
N SER B 72 -1.38 -12.71 0.79
CA SER B 72 -0.94 -14.05 0.44
C SER B 72 0.07 -14.48 1.48
N THR B 73 0.41 -15.76 1.53
CA THR B 73 1.47 -16.18 2.45
C THR B 73 2.79 -15.42 2.28
N GLY B 74 3.46 -15.04 3.38
CA GLY B 74 4.64 -14.20 3.33
C GLY B 74 4.56 -12.87 2.56
N SER B 75 3.40 -12.22 2.54
CA SER B 75 3.31 -10.89 1.92
C SER B 75 3.83 -9.77 2.83
N GLY B 76 4.10 -10.08 4.09
CA GLY B 76 4.48 -9.00 5.01
C GLY B 76 3.43 -8.58 6.05
N LYS B 77 2.42 -9.43 6.30
CA LYS B 77 1.32 -9.07 7.19
C LYS B 77 1.80 -8.93 8.64
N THR B 78 2.54 -9.93 9.14
CA THR B 78 3.07 -9.93 10.46
C THR B 78 4.16 -8.86 10.61
N SER B 79 4.95 -8.58 9.55
CA SER B 79 5.93 -7.49 9.62
C SER B 79 5.28 -6.11 9.76
N LEU B 80 4.09 -5.92 9.17
CA LEU B 80 3.35 -4.65 9.29
C LEU B 80 3.01 -4.41 10.79
N LEU B 81 2.59 -5.46 11.50
CA LEU B 81 2.43 -5.38 12.95
C LEU B 81 3.75 -5.05 13.64
N MET B 82 4.80 -5.77 13.32
CA MET B 82 6.08 -5.47 13.94
C MET B 82 6.42 -4.01 13.72
N LEU B 83 6.09 -3.50 12.54
CA LEU B 83 6.38 -2.10 12.26
C LEU B 83 5.58 -1.28 13.28
N ILE B 84 4.25 -1.50 13.37
CA ILE B 84 3.41 -0.84 14.34
C ILE B 84 3.98 -0.97 15.72
N LEU B 85 4.62 -2.07 16.05
CA LEU B 85 5.19 -2.24 17.40
C LEU B 85 6.55 -1.55 17.61
N GLY B 86 7.10 -0.95 16.55
CA GLY B 86 8.38 -0.33 16.67
C GLY B 86 9.48 -1.36 16.62
N GLU B 87 9.16 -2.62 16.30
CA GLU B 87 10.15 -3.69 16.24
C GLU B 87 10.80 -3.66 14.90
N LEU B 88 10.40 -2.73 14.04
CA LEU B 88 10.98 -2.61 12.71
C LEU B 88 10.78 -1.19 12.29
N GLU B 89 11.82 -0.62 11.74
CA GLU B 89 11.89 0.80 11.55
C GLU B 89 11.40 1.18 10.17
N ALA B 90 10.56 2.21 10.15
CA ALA B 90 10.09 2.85 8.94
C ALA B 90 11.30 3.55 8.36
N SER B 91 11.75 3.08 7.22
CA SER B 91 12.99 3.57 6.68
C SER B 91 12.63 4.71 5.70
N GLU B 92 11.33 4.92 5.52
CA GLU B 92 10.80 6.01 4.69
C GLU B 92 9.34 6.24 5.08
N GLY B 93 8.90 7.50 5.04
CA GLY B 93 7.48 7.84 5.16
C GLY B 93 7.10 8.08 6.60
N ILE B 94 5.82 8.26 6.88
CA ILE B 94 5.49 8.37 8.32
C ILE B 94 4.46 7.43 8.99
N ILE B 95 4.80 6.93 10.18
CA ILE B 95 3.83 6.29 11.04
C ILE B 95 3.44 7.14 12.28
N LYS B 96 2.15 7.47 12.36
CA LYS B 96 1.58 8.17 13.54
C LYS B 96 0.56 7.31 14.29
N HIS B 97 0.79 7.02 15.56
CA HIS B 97 -0.26 6.52 16.44
C HIS B 97 0.10 6.82 17.89
N SER B 98 -0.87 6.80 18.80
CA SER B 98 -0.64 7.16 20.20
C SER B 98 -0.95 6.06 21.19
N GLY B 99 -0.33 6.11 22.34
CA GLY B 99 -0.83 5.28 23.41
C GLY B 99 -0.45 3.82 23.39
N ARG B 100 -1.09 3.07 24.27
CA ARG B 100 -0.68 1.72 24.49
C ARG B 100 -1.06 0.85 23.29
N VAL B 101 -0.16 -0.04 22.90
CA VAL B 101 -0.59 -1.08 22.06
C VAL B 101 -0.78 -2.41 22.76
N SER B 102 -1.93 -3.05 22.49
CA SER B 102 -2.11 -4.44 22.87
C SER B 102 -1.94 -5.41 21.66
N PHE B 103 -1.18 -6.48 21.84
CA PHE B 103 -0.73 -7.31 20.73
C PHE B 103 -1.09 -8.72 21.04
N CYS B 104 -1.92 -9.30 20.18
CA CYS B 104 -2.31 -10.71 20.31
C CYS B 104 -1.60 -11.42 19.13
N SER B 105 -0.49 -12.07 19.45
CA SER B 105 0.35 -12.69 18.45
C SER B 105 -0.21 -14.06 18.01
N GLN B 106 0.31 -14.49 16.88
CA GLN B 106 -0.20 -15.70 16.26
C GLN B 106 0.16 -16.83 17.13
N PHE B 107 1.36 -16.77 17.73
CA PHE B 107 1.75 -17.76 18.71
C PHE B 107 0.99 -17.51 20.00
N SER B 108 0.17 -18.49 20.37
CA SER B 108 -0.64 -18.36 21.59
C SER B 108 0.19 -18.66 22.80
N TRP B 109 0.76 -17.68 23.47
CA TRP B 109 1.58 -18.08 24.64
C TRP B 109 0.80 -18.28 25.91
N ILE B 110 1.29 -19.14 26.80
CA ILE B 110 0.54 -19.52 28.00
C ILE B 110 1.60 -19.60 29.04
N MET B 111 1.43 -18.86 30.15
CA MET B 111 2.37 -18.85 31.28
C MET B 111 1.77 -19.77 32.32
N PRO B 112 2.61 -20.39 33.16
CA PRO B 112 2.09 -21.36 34.14
C PRO B 112 1.24 -20.55 35.08
N GLY B 113 0.12 -21.10 35.52
CA GLY B 113 -0.81 -20.33 36.31
C GLY B 113 -2.22 -20.74 35.87
N THR B 114 -3.25 -20.11 36.44
CA THR B 114 -4.55 -20.42 36.05
C THR B 114 -4.97 -19.73 34.74
N ILE B 115 -6.14 -20.11 34.25
CA ILE B 115 -6.71 -19.56 33.05
C ILE B 115 -6.98 -18.10 33.38
N LYS B 116 -7.64 -17.85 34.52
CA LYS B 116 -7.81 -16.47 35.00
C LYS B 116 -6.53 -15.60 35.07
N GLU B 117 -5.50 -16.14 35.73
CA GLU B 117 -4.18 -15.50 35.88
C GLU B 117 -3.57 -15.19 34.53
N ASN B 118 -3.79 -16.08 33.56
CA ASN B 118 -3.22 -15.84 32.25
C ASN B 118 -3.92 -14.71 31.52
N ILE B 119 -5.21 -14.52 31.77
CA ILE B 119 -5.98 -13.50 31.05
C ILE B 119 -5.72 -12.09 31.60
N ILE B 120 -5.56 -12.06 32.91
CA ILE B 120 -5.48 -10.86 33.73
C ILE B 120 -4.03 -10.51 33.98
N PHE B 121 -3.12 -11.23 33.34
CA PHE B 121 -1.72 -11.14 33.62
C PHE B 121 -1.17 -9.71 33.67
N GLY B 122 -0.64 -9.28 34.83
CA GLY B 122 0.11 -8.03 34.98
C GLY B 122 -0.78 -6.81 35.04
N VAL B 123 -2.04 -7.05 35.39
CA VAL B 123 -3.05 -6.07 35.11
C VAL B 123 -4.14 -6.08 36.19
N SER B 124 -4.61 -4.89 36.54
CA SER B 124 -5.59 -4.77 37.57
C SER B 124 -6.87 -5.51 37.15
N TYR B 125 -7.40 -6.29 38.09
CA TYR B 125 -8.63 -7.01 37.92
C TYR B 125 -9.78 -6.09 38.03
N ASP B 126 -10.72 -6.19 37.08
CA ASP B 126 -12.06 -5.60 37.17
C ASP B 126 -13.13 -6.63 36.74
N GLU B 127 -13.88 -7.11 37.72
CA GLU B 127 -14.85 -8.19 37.57
C GLU B 127 -15.86 -8.03 36.47
N TYR B 128 -16.44 -6.85 36.32
CA TYR B 128 -17.33 -6.72 35.19
C TYR B 128 -16.51 -6.90 33.90
N ARG B 129 -15.30 -6.36 33.86
CA ARG B 129 -14.49 -6.30 32.64
C ARG B 129 -13.99 -7.73 32.20
N TYR B 130 -13.43 -8.45 33.18
CA TYR B 130 -13.01 -9.84 33.08
C TYR B 130 -14.15 -10.81 32.64
N LYS B 131 -15.32 -10.75 33.30
CA LYS B 131 -16.47 -11.63 33.02
C LYS B 131 -16.99 -11.37 31.63
N SER B 132 -16.99 -10.12 31.26
CA SER B 132 -17.30 -9.68 29.98
C SER B 132 -16.42 -10.24 28.84
N VAL B 133 -15.13 -10.18 29.10
CA VAL B 133 -14.09 -10.66 28.18
C VAL B 133 -14.20 -12.17 28.02
N VAL B 134 -14.24 -12.84 29.15
CA VAL B 134 -14.45 -14.27 29.20
C VAL B 134 -15.66 -14.61 28.40
N LYS B 135 -16.74 -13.88 28.51
CA LYS B 135 -17.92 -14.39 27.85
C LYS B 135 -17.79 -14.09 26.35
N ALA B 136 -17.39 -12.87 26.04
CA ALA B 136 -17.30 -12.55 24.64
C ALA B 136 -16.22 -13.40 23.87
N CYS B 137 -15.14 -13.81 24.49
CA CYS B 137 -14.20 -14.69 23.84
C CYS B 137 -14.68 -16.16 23.80
N GLN B 138 -15.97 -16.43 24.08
CA GLN B 138 -16.47 -17.80 24.20
C GLN B 138 -15.63 -18.75 24.96
N LEU B 139 -15.12 -18.33 26.11
CA LEU B 139 -14.45 -19.22 27.01
C LEU B 139 -15.36 -19.86 28.01
N GLN B 140 -16.57 -19.35 28.13
CA GLN B 140 -17.46 -19.95 29.10
C GLN B 140 -17.71 -21.42 28.82
N GLN B 141 -17.82 -21.78 27.55
CA GLN B 141 -17.97 -23.14 27.13
C GLN B 141 -16.67 -23.95 27.41
N ASP B 142 -15.50 -23.32 27.50
CA ASP B 142 -14.34 -24.10 27.86
C ASP B 142 -14.31 -24.34 29.35
N ILE B 143 -14.33 -23.27 30.14
CA ILE B 143 -14.01 -23.43 31.56
C ILE B 143 -15.12 -24.30 32.25
N THR B 144 -16.34 -24.27 31.70
CA THR B 144 -17.37 -25.12 32.24
C THR B 144 -17.10 -26.58 32.12
N LYS B 145 -16.13 -26.99 31.34
CA LYS B 145 -15.76 -28.37 31.26
C LYS B 145 -14.73 -28.78 32.31
N PHE B 146 -14.17 -27.84 33.05
CA PHE B 146 -13.05 -28.17 33.92
C PHE B 146 -13.58 -28.16 35.38
N ALA B 147 -13.19 -29.08 36.23
CA ALA B 147 -13.63 -29.10 37.63
C ALA B 147 -13.47 -27.74 38.31
N GLU B 148 -12.31 -27.11 38.19
CA GLU B 148 -12.09 -25.79 38.82
C GLU B 148 -12.34 -24.63 37.90
N GLN B 149 -12.99 -24.85 36.75
CA GLN B 149 -13.28 -23.72 35.81
C GLN B 149 -12.05 -22.82 35.52
N ASP B 150 -12.17 -21.50 35.64
CA ASP B 150 -11.08 -20.64 35.24
C ASP B 150 -10.01 -20.55 36.30
N ASN B 151 -10.20 -21.25 37.41
CA ASN B 151 -9.10 -21.48 38.31
C ASN B 151 -8.26 -22.69 38.00
N THR B 152 -8.64 -23.37 36.95
CA THR B 152 -7.84 -24.48 36.48
C THR B 152 -6.42 -24.02 36.23
N VAL B 153 -5.46 -24.78 36.76
CA VAL B 153 -4.03 -24.55 36.56
C VAL B 153 -3.49 -25.14 35.23
N LEU B 154 -2.72 -24.34 34.51
CA LEU B 154 -2.10 -24.71 33.25
C LEU B 154 -0.54 -24.86 33.24
N GLY B 155 -0.04 -25.91 32.67
CA GLY B 155 1.35 -25.89 32.27
C GLY B 155 1.78 -24.87 31.23
N GLU B 156 3.03 -24.45 31.40
CA GLU B 156 3.72 -23.60 30.45
C GLU B 156 3.26 -24.16 29.11
N GLY B 157 2.84 -23.24 28.24
CA GLY B 157 2.29 -23.56 26.95
C GLY B 157 0.90 -24.21 26.93
N GLY B 158 0.21 -24.42 28.07
CA GLY B 158 -1.15 -25.01 28.05
C GLY B 158 -1.32 -26.10 26.94
N VAL B 159 -0.43 -27.07 27.01
CA VAL B 159 -0.12 -27.91 25.89
C VAL B 159 -1.21 -29.01 25.64
N THR B 160 -2.06 -29.34 26.64
CA THR B 160 -3.14 -30.36 26.50
C THR B 160 -4.45 -29.78 26.00
N LEU B 161 -4.47 -28.47 25.84
CA LEU B 161 -5.63 -27.75 25.36
C LEU B 161 -5.63 -27.74 23.84
N SER B 162 -6.72 -27.31 23.24
CA SER B 162 -6.75 -27.22 21.83
C SER B 162 -6.15 -25.93 21.37
N GLY B 163 -5.75 -25.89 20.09
CA GLY B 163 -5.27 -24.61 19.51
C GLY B 163 -6.21 -23.43 19.75
N GLY B 164 -7.48 -23.72 19.56
CA GLY B 164 -8.52 -22.69 19.67
C GLY B 164 -8.71 -22.18 21.08
N GLN B 165 -8.75 -23.11 22.00
CA GLN B 165 -8.72 -22.80 23.39
C GLN B 165 -7.51 -21.89 23.76
N ARG B 166 -6.27 -22.26 23.36
CA ARG B 166 -5.12 -21.45 23.69
C ARG B 166 -5.29 -20.09 22.99
N ALA B 167 -5.80 -20.03 21.75
CA ALA B 167 -5.94 -18.74 21.09
C ALA B 167 -7.05 -17.81 21.73
N ARG B 168 -8.14 -18.39 22.25
CA ARG B 168 -9.19 -17.69 22.92
C ARG B 168 -8.67 -17.08 24.21
N ILE B 169 -7.87 -17.85 24.92
CA ILE B 169 -7.32 -17.39 26.19
C ILE B 169 -6.40 -16.22 25.93
N SER B 170 -5.67 -16.23 24.81
CA SER B 170 -4.73 -15.17 24.65
C SER B 170 -5.30 -13.96 23.90
N LEU B 171 -6.37 -14.18 23.16
CA LEU B 171 -7.18 -13.08 22.71
C LEU B 171 -7.81 -12.37 23.94
N ALA B 172 -8.38 -13.14 24.87
CA ALA B 172 -8.89 -12.58 26.09
C ALA B 172 -7.84 -11.73 26.83
N ARG B 173 -6.64 -12.27 26.98
CA ARG B 173 -5.56 -11.51 27.63
C ARG B 173 -5.36 -10.19 26.88
N ALA B 174 -5.24 -10.22 25.55
CA ALA B 174 -4.98 -9.03 24.78
C ALA B 174 -6.19 -8.03 24.81
N VAL B 175 -7.38 -8.57 24.87
CA VAL B 175 -8.62 -7.77 24.90
C VAL B 175 -8.90 -7.14 26.28
N TYR B 176 -8.62 -7.86 27.35
CA TYR B 176 -8.81 -7.35 28.68
C TYR B 176 -7.81 -6.20 29.08
N LYS B 177 -6.69 -6.09 28.37
CA LYS B 177 -5.69 -5.12 28.66
C LYS B 177 -6.19 -3.84 28.08
N ASP B 178 -6.10 -2.75 28.84
CA ASP B 178 -6.54 -1.49 28.30
C ASP B 178 -5.45 -0.89 27.49
N ALA B 179 -5.83 -0.50 26.27
CA ALA B 179 -4.90 0.02 25.32
C ALA B 179 -5.62 0.89 24.33
N ASP B 180 -4.86 1.59 23.51
CA ASP B 180 -5.35 2.47 22.44
C ASP B 180 -5.58 1.75 21.13
N LEU B 181 -4.65 0.81 20.84
CA LEU B 181 -4.58 0.07 19.56
C LEU B 181 -4.36 -1.42 19.86
N TYR B 182 -5.26 -2.25 19.29
CA TYR B 182 -5.29 -3.70 19.49
C TYR B 182 -4.83 -4.32 18.19
N LEU B 183 -3.73 -5.06 18.25
CA LEU B 183 -3.21 -5.82 17.09
C LEU B 183 -3.46 -7.31 17.22
N LEU B 184 -4.32 -7.82 16.33
CA LEU B 184 -4.80 -9.21 16.47
C LEU B 184 -4.29 -10.06 15.29
N ASP B 185 -3.23 -10.82 15.51
CA ASP B 185 -2.60 -11.47 14.36
C ASP B 185 -3.23 -12.86 14.18
N SER B 186 -4.16 -13.03 13.27
CA SER B 186 -4.62 -14.38 12.91
C SER B 186 -5.15 -15.25 14.01
N PRO B 187 -5.97 -14.79 14.97
CA PRO B 187 -6.45 -15.78 15.94
C PRO B 187 -7.49 -16.68 15.30
N PHE B 188 -8.07 -16.35 14.16
CA PHE B 188 -9.21 -17.16 13.66
C PHE B 188 -8.68 -18.15 12.59
N GLY B 189 -7.93 -19.16 13.07
CA GLY B 189 -7.33 -20.15 12.16
C GLY B 189 -7.50 -21.62 12.49
N TYR B 190 -8.38 -22.03 13.41
CA TYR B 190 -8.42 -23.41 13.84
C TYR B 190 -9.65 -24.05 13.30
N LEU B 191 -9.88 -25.27 13.73
CA LEU B 191 -10.91 -26.10 13.17
C LEU B 191 -12.31 -25.77 13.77
N ASP B 192 -12.38 -25.25 14.98
CA ASP B 192 -13.70 -25.06 15.60
C ASP B 192 -14.23 -23.72 15.15
N VAL B 193 -14.76 -23.78 13.94
CA VAL B 193 -15.01 -22.66 13.11
C VAL B 193 -16.26 -21.90 13.53
N PHE B 194 -17.23 -22.60 14.13
CA PHE B 194 -18.47 -21.94 14.54
C PHE B 194 -18.17 -21.11 15.77
N THR B 195 -17.41 -21.65 16.74
CA THR B 195 -16.91 -20.83 17.82
C THR B 195 -16.20 -19.56 17.32
N GLU B 196 -15.34 -19.67 16.30
CA GLU B 196 -14.59 -18.47 15.87
C GLU B 196 -15.50 -17.38 15.30
N GLU B 197 -16.59 -17.84 14.70
CA GLU B 197 -17.66 -16.99 14.10
C GLU B 197 -18.34 -16.27 15.20
N GLN B 198 -18.63 -17.00 16.29
CA GLN B 198 -19.14 -16.34 17.47
C GLN B 198 -18.11 -15.37 18.08
N VAL B 199 -16.84 -15.76 18.23
CA VAL B 199 -15.83 -14.85 18.81
C VAL B 199 -15.64 -13.62 17.93
N PHE B 200 -15.65 -13.79 16.62
CA PHE B 200 -15.52 -12.60 15.83
C PHE B 200 -16.70 -11.61 16.07
N GLU B 201 -17.93 -12.09 16.14
CA GLU B 201 -19.08 -11.23 16.37
C GLU B 201 -19.09 -10.53 17.74
N SER B 202 -18.95 -11.29 18.80
CA SER B 202 -19.20 -10.82 20.12
C SER B 202 -18.07 -10.03 20.69
N CYS B 203 -16.85 -10.38 20.27
CA CYS B 203 -15.62 -9.85 20.82
C CYS B 203 -15.13 -8.76 19.93
N VAL B 204 -14.84 -9.08 18.68
CA VAL B 204 -14.15 -8.14 17.81
C VAL B 204 -15.12 -7.07 17.31
N CYS B 205 -16.33 -7.50 16.94
CA CYS B 205 -17.35 -6.57 16.47
C CYS B 205 -18.16 -5.89 17.64
N LYS B 206 -18.59 -6.61 18.67
CA LYS B 206 -19.40 -5.98 19.66
C LYS B 206 -18.63 -5.41 20.83
N LEU B 207 -18.03 -6.26 21.67
CA LEU B 207 -17.24 -5.78 22.79
C LEU B 207 -16.20 -4.71 22.39
N MET B 208 -15.54 -4.86 21.25
CA MET B 208 -14.47 -3.93 20.91
C MET B 208 -14.98 -2.97 19.88
N ALA B 209 -16.31 -2.78 19.78
CA ALA B 209 -16.82 -1.88 18.75
C ALA B 209 -16.17 -0.54 18.74
N ASN B 210 -15.76 -0.05 19.91
CA ASN B 210 -15.12 1.26 19.93
C ASN B 210 -13.62 1.29 20.00
N LYS B 211 -12.98 0.10 19.99
CA LYS B 211 -11.52 0.05 20.09
C LYS B 211 -10.84 0.05 18.69
N THR B 212 -9.76 0.78 18.57
CA THR B 212 -8.99 0.79 17.32
C THR B 212 -8.31 -0.53 17.23
N ARG B 213 -8.58 -1.23 16.15
CA ARG B 213 -8.10 -2.61 16.11
C ARG B 213 -7.74 -3.00 14.70
N ILE B 214 -6.78 -3.90 14.64
CA ILE B 214 -6.25 -4.40 13.38
C ILE B 214 -6.22 -5.90 13.47
N LEU B 215 -6.94 -6.51 12.53
CA LEU B 215 -7.11 -7.94 12.57
C LEU B 215 -6.39 -8.48 11.33
N VAL B 216 -5.43 -9.38 11.50
CA VAL B 216 -4.91 -10.05 10.30
C VAL B 216 -5.78 -11.28 10.18
N THR B 217 -6.25 -11.59 8.98
CA THR B 217 -7.24 -12.64 8.83
C THR B 217 -7.25 -13.26 7.45
N SER B 218 -7.79 -14.44 7.34
CA SER B 218 -7.94 -15.05 6.03
C SER B 218 -9.44 -15.35 5.80
N LYS B 219 -10.36 -14.67 6.53
CA LYS B 219 -11.81 -14.83 6.35
C LYS B 219 -12.43 -13.62 5.66
N MET B 220 -13.25 -13.85 4.64
CA MET B 220 -13.81 -12.73 3.86
C MET B 220 -14.94 -12.03 4.66
N GLU B 221 -15.65 -12.75 5.50
CA GLU B 221 -16.60 -12.07 6.38
C GLU B 221 -15.92 -10.93 7.19
N HIS B 222 -14.68 -11.18 7.65
CA HIS B 222 -13.95 -10.15 8.39
C HIS B 222 -13.71 -8.92 7.56
N LEU B 223 -13.54 -9.11 6.24
CA LEU B 223 -13.28 -7.97 5.35
C LEU B 223 -14.63 -7.35 5.12
N ARG B 224 -15.65 -8.16 4.95
CA ARG B 224 -16.98 -7.60 4.77
C ARG B 224 -17.32 -6.62 5.91
N LYS B 225 -16.97 -6.96 7.14
CA LYS B 225 -17.48 -6.23 8.22
C LYS B 225 -16.48 -5.19 8.61
N ALA B 226 -15.41 -5.08 7.84
CA ALA B 226 -14.33 -4.23 8.37
C ALA B 226 -14.63 -2.75 8.05
N ASP B 227 -14.08 -1.79 8.81
CA ASP B 227 -14.15 -0.40 8.32
C ASP B 227 -13.22 -0.15 7.15
N LYS B 228 -12.00 -0.67 7.22
CA LYS B 228 -11.00 -0.53 6.17
C LYS B 228 -10.36 -1.89 5.96
N ILE B 229 -9.81 -2.05 4.76
CA ILE B 229 -9.13 -3.28 4.28
C ILE B 229 -7.76 -3.02 3.64
N LEU B 230 -6.74 -3.80 4.02
CA LEU B 230 -5.41 -3.77 3.37
C LEU B 230 -5.13 -5.18 2.89
N ILE B 231 -4.88 -5.33 1.61
CA ILE B 231 -4.44 -6.62 1.14
C ILE B 231 -3.00 -6.45 0.67
N LEU B 232 -2.15 -7.23 1.29
CA LEU B 232 -0.75 -7.28 0.94
C LEU B 232 -0.38 -8.47 -0.06
N HIS B 233 0.60 -8.22 -0.95
CA HIS B 233 1.24 -9.27 -1.75
C HIS B 233 2.69 -8.86 -2.08
N GLN B 234 3.61 -9.76 -1.76
CA GLN B 234 5.04 -9.52 -2.05
C GLN B 234 5.48 -8.20 -1.44
N GLY B 235 4.95 -7.91 -0.26
CA GLY B 235 5.38 -6.76 0.53
C GLY B 235 4.78 -5.47 0.00
N SER B 236 3.79 -5.56 -0.85
CA SER B 236 3.20 -4.37 -1.39
C SER B 236 1.72 -4.37 -1.19
N SER B 237 1.13 -3.18 -1.28
CA SER B 237 -0.26 -3.03 -1.07
C SER B 237 -1.01 -3.44 -2.30
N TYR B 238 -1.44 -4.68 -2.33
CA TYR B 238 -2.26 -5.06 -3.43
C TYR B 238 -3.45 -4.10 -3.44
N PHE B 239 -3.94 -3.72 -2.27
CA PHE B 239 -5.19 -2.95 -2.13
C PHE B 239 -5.42 -2.39 -0.70
N TYR B 240 -5.84 -1.14 -0.64
CA TYR B 240 -6.27 -0.46 0.58
C TYR B 240 -7.56 0.30 0.31
N GLY B 241 -8.59 -0.01 1.10
CA GLY B 241 -9.81 0.77 1.09
C GLY B 241 -10.94 0.11 1.84
N THR B 242 -12.16 0.32 1.37
CA THR B 242 -13.33 -0.22 2.04
C THR B 242 -13.86 -1.37 1.21
N PHE B 243 -14.72 -2.15 1.81
CA PHE B 243 -15.13 -3.38 1.19
C PHE B 243 -15.82 -3.13 -0.15
N SER B 244 -16.55 -2.01 -0.23
CA SER B 244 -17.24 -1.62 -1.46
C SER B 244 -16.25 -1.12 -2.49
N GLU B 245 -15.28 -0.32 -2.07
CA GLU B 245 -14.17 -0.09 -2.97
C GLU B 245 -13.55 -1.43 -3.43
N LEU B 246 -13.50 -2.45 -2.56
CA LEU B 246 -12.84 -3.68 -2.96
C LEU B 246 -13.63 -4.32 -4.06
N GLN B 247 -14.93 -4.46 -3.81
CA GLN B 247 -15.84 -5.11 -4.76
C GLN B 247 -15.76 -4.50 -6.14
N SER B 248 -15.67 -3.17 -6.18
CA SER B 248 -15.76 -2.49 -7.47
C SER B 248 -14.41 -2.14 -8.10
N LEU B 249 -13.39 -1.87 -7.28
CA LEU B 249 -12.04 -1.58 -7.77
C LEU B 249 -11.14 -2.83 -7.88
N ARG B 250 -11.57 -3.97 -7.32
CA ARG B 250 -10.88 -5.25 -7.57
C ARG B 250 -11.84 -6.40 -7.87
N PRO B 251 -12.56 -6.27 -8.98
CA PRO B 251 -13.64 -7.21 -9.36
C PRO B 251 -13.19 -8.62 -9.72
N ASP B 252 -11.96 -8.75 -10.16
CA ASP B 252 -11.44 -10.10 -10.33
C ASP B 252 -11.18 -10.88 -9.03
N PHE B 253 -10.41 -10.28 -8.12
CA PHE B 253 -10.21 -10.82 -6.79
C PHE B 253 -11.54 -11.11 -6.14
N SER B 254 -12.39 -10.09 -6.05
CA SER B 254 -13.68 -10.18 -5.36
C SER B 254 -14.51 -11.31 -5.90
N SER B 255 -14.54 -11.40 -7.21
CA SER B 255 -15.48 -12.27 -7.86
C SER B 255 -15.02 -13.65 -7.49
N LYS B 256 -13.71 -13.85 -7.63
CA LYS B 256 -13.07 -15.10 -7.27
C LYS B 256 -13.34 -15.44 -5.79
N LEU B 257 -13.05 -14.51 -4.88
CA LEU B 257 -13.23 -14.83 -3.45
C LEU B 257 -14.69 -14.99 -3.01
N MET B 258 -15.56 -14.02 -3.34
CA MET B 258 -17.04 -14.12 -3.11
C MET B 258 -17.67 -15.31 -3.84
N GLY B 259 -17.04 -15.76 -4.90
CA GLY B 259 -17.52 -16.91 -5.62
C GLY B 259 -17.88 -18.12 -4.80
N TYR B 260 -17.02 -18.50 -3.83
CA TYR B 260 -17.25 -19.77 -3.10
C TYR B 260 -18.43 -19.60 -2.20
N ASP B 261 -19.13 -20.71 -1.95
CA ASP B 261 -20.33 -20.64 -1.12
C ASP B 261 -19.93 -20.29 0.34
N THR B 262 -19.03 -21.11 0.90
CA THR B 262 -18.61 -21.05 2.27
C THR B 262 -17.08 -21.00 2.44
N PHE B 263 -16.42 -20.17 1.71
CA PHE B 263 -15.01 -20.02 1.82
C PHE B 263 -14.53 -19.96 3.30
N ASP B 264 -15.22 -19.22 4.17
CA ASP B 264 -14.66 -19.01 5.53
C ASP B 264 -14.63 -20.29 6.37
N GLN B 265 -15.36 -21.32 5.90
CA GLN B 265 -15.29 -22.56 6.61
C GLN B 265 -14.24 -23.54 6.12
N PHE B 266 -13.49 -23.16 5.08
CA PHE B 266 -12.36 -23.98 4.68
C PHE B 266 -11.31 -23.83 5.81
N THR B 267 -10.34 -24.73 5.82
CA THR B 267 -9.20 -24.64 6.73
C THR B 267 -8.41 -23.46 6.38
N GLU B 268 -7.64 -23.01 7.34
CA GLU B 268 -6.80 -21.82 7.18
C GLU B 268 -5.85 -21.98 5.98
N GLU B 269 -5.20 -23.12 5.97
CA GLU B 269 -4.26 -23.51 4.91
C GLU B 269 -4.97 -23.44 3.55
N ARG B 270 -6.16 -24.06 3.38
CA ARG B 270 -6.91 -23.81 2.15
C ARG B 270 -7.24 -22.33 1.93
N ARG B 271 -7.71 -21.59 2.95
CA ARG B 271 -8.07 -20.19 2.62
C ARG B 271 -6.83 -19.42 2.18
N SER B 272 -5.78 -19.48 2.97
CA SER B 272 -4.54 -18.83 2.57
C SER B 272 -4.09 -19.30 1.21
N SER B 273 -4.21 -20.59 0.92
CA SER B 273 -3.71 -21.01 -0.39
C SER B 273 -4.47 -20.37 -1.57
N ILE B 274 -5.79 -20.35 -1.47
CA ILE B 274 -6.64 -19.63 -2.46
C ILE B 274 -6.35 -18.12 -2.60
N LEU B 275 -6.14 -17.46 -1.46
CA LEU B 275 -5.98 -16.03 -1.52
C LEU B 275 -4.61 -15.86 -2.25
N THR B 276 -3.65 -16.75 -1.89
CA THR B 276 -2.30 -16.77 -2.47
C THR B 276 -2.28 -16.94 -4.00
N GLU B 277 -2.93 -17.98 -4.54
CA GLU B 277 -3.12 -18.11 -6.01
C GLU B 277 -3.86 -16.95 -6.57
N THR B 278 -4.89 -16.46 -5.88
CA THR B 278 -5.78 -15.48 -6.54
C THR B 278 -4.97 -14.21 -6.74
N LEU B 279 -4.15 -13.92 -5.74
CA LEU B 279 -3.26 -12.77 -5.77
C LEU B 279 -2.06 -12.95 -6.76
N ARG B 280 -1.54 -14.18 -6.90
CA ARG B 280 -0.43 -14.36 -7.82
C ARG B 280 -1.02 -14.15 -9.17
N ARG B 281 -2.19 -14.71 -9.37
CA ARG B 281 -2.90 -14.56 -10.62
C ARG B 281 -3.18 -13.09 -11.01
N PHE B 282 -3.65 -12.25 -10.11
CA PHE B 282 -4.13 -10.93 -10.56
C PHE B 282 -3.15 -9.77 -10.30
N SER B 283 -3.62 -8.53 -10.47
CA SER B 283 -2.71 -7.45 -10.85
C SER B 283 -2.76 -6.09 -10.13
N SER C 1 -23.64 3.46 15.30
CA SER C 1 -22.40 4.32 15.45
C SER C 1 -22.51 5.21 16.67
N THR C 2 -21.38 5.52 17.29
CA THR C 2 -21.29 6.64 18.21
C THR C 2 -20.29 7.69 17.75
N THR C 3 -20.24 8.82 18.47
CA THR C 3 -19.39 9.92 18.06
C THR C 3 -18.67 10.21 19.30
N GLY C 4 -17.51 10.85 19.19
CA GLY C 4 -16.84 11.35 20.36
C GLY C 4 -17.36 12.78 20.39
N ILE C 5 -16.93 13.53 21.37
CA ILE C 5 -17.37 14.89 21.39
C ILE C 5 -16.20 15.68 21.97
N ILE C 6 -15.84 16.77 21.32
CA ILE C 6 -14.76 17.57 21.82
C ILE C 6 -15.20 19.03 22.03
N MET C 7 -14.65 19.64 23.08
CA MET C 7 -14.89 21.05 23.34
C MET C 7 -13.56 21.62 23.73
N GLU C 8 -13.12 22.62 22.99
CA GLU C 8 -11.82 23.24 23.22
C GLU C 8 -12.08 24.74 23.50
N ASN C 9 -11.68 25.21 24.66
CA ASN C 9 -12.04 26.52 25.15
C ASN C 9 -13.39 27.12 24.74
N VAL C 10 -14.49 26.44 25.02
CA VAL C 10 -15.78 26.97 24.55
C VAL C 10 -16.31 27.99 25.55
N THR C 11 -16.73 29.16 25.06
CA THR C 11 -17.32 30.16 25.94
C THR C 11 -18.66 30.51 25.36
N ALA C 12 -19.73 30.50 26.14
CA ALA C 12 -20.99 30.79 25.52
C ALA C 12 -21.64 31.87 26.36
N PHE C 13 -22.27 32.85 25.69
CA PHE C 13 -22.83 34.03 26.36
C PHE C 13 -24.35 33.92 26.39
N TRP C 14 -24.94 34.49 27.41
CA TRP C 14 -26.39 34.75 27.42
C TRP C 14 -26.88 35.39 26.10
N GLU C 15 -27.91 34.78 25.51
CA GLU C 15 -28.60 35.34 24.36
C GLU C 15 -30.10 35.25 24.61
N GLU C 16 -30.83 36.09 23.91
CA GLU C 16 -32.27 36.26 24.14
C GLU C 16 -33.03 34.96 23.90
N GLY C 17 -34.07 34.75 24.69
CA GLY C 17 -34.85 33.53 24.59
C GLY C 17 -34.29 32.34 25.36
N PHE C 18 -32.98 32.38 25.64
CA PHE C 18 -32.32 31.24 26.24
C PHE C 18 -32.86 30.91 27.62
N GLY C 19 -33.11 31.97 28.40
CA GLY C 19 -33.62 31.87 29.77
C GLY C 19 -34.97 31.19 29.70
N GLU C 20 -35.77 31.60 28.74
CA GLU C 20 -37.09 30.98 28.55
C GLU C 20 -36.97 29.48 28.17
N LEU C 21 -36.11 29.16 27.17
CA LEU C 21 -35.73 27.77 26.88
C LEU C 21 -35.44 26.92 28.12
N LEU C 22 -34.54 27.41 28.96
CA LEU C 22 -34.10 26.73 30.16
C LEU C 22 -35.28 26.50 31.10
N GLU C 23 -36.22 27.47 31.10
CA GLU C 23 -37.40 27.49 31.95
C GLU C 23 -38.15 26.21 31.61
N LYS C 24 -38.48 26.04 30.32
CA LYS C 24 -39.13 24.84 29.83
C LYS C 24 -38.42 23.57 30.29
N VAL C 25 -37.14 23.51 29.96
CA VAL C 25 -36.41 22.27 29.96
C VAL C 25 -36.18 21.61 31.35
N GLN C 26 -36.52 22.35 32.43
CA GLN C 26 -35.98 22.07 33.78
C GLN C 26 -37.06 21.79 34.84
N PHE C 43 -34.45 38.00 31.79
CA PHE C 43 -33.07 37.54 31.57
C PHE C 43 -32.34 38.53 30.67
N SER C 44 -33.05 39.60 30.33
CA SER C 44 -32.52 40.68 29.50
C SER C 44 -31.28 41.33 30.08
N HIS C 45 -31.25 41.46 31.39
CA HIS C 45 -30.07 42.03 31.98
C HIS C 45 -28.82 41.27 31.61
N LEU C 46 -28.85 39.97 31.83
CA LEU C 46 -27.74 39.08 31.43
C LEU C 46 -27.39 39.18 29.93
N CYS C 47 -28.37 39.49 29.07
CA CYS C 47 -28.15 39.66 27.63
C CYS C 47 -27.71 41.07 27.23
N LEU C 48 -28.24 42.11 27.87
CA LEU C 48 -27.85 43.49 27.54
C LEU C 48 -26.38 43.59 27.91
N VAL C 49 -26.10 43.07 29.11
CA VAL C 49 -24.84 43.18 29.81
C VAL C 49 -23.71 42.23 29.26
N GLY C 50 -24.04 41.31 28.36
CA GLY C 50 -22.98 40.51 27.73
C GLY C 50 -22.23 39.53 28.64
N ASN C 51 -22.87 38.47 29.13
CA ASN C 51 -22.26 37.60 30.15
C ASN C 51 -22.17 36.14 29.72
N PRO C 52 -21.07 35.47 30.06
CA PRO C 52 -20.98 34.01 29.91
C PRO C 52 -22.06 33.30 30.70
N VAL C 53 -22.65 32.24 30.14
CA VAL C 53 -23.32 31.28 30.98
C VAL C 53 -22.31 30.22 31.20
N LEU C 54 -21.34 30.12 30.29
CA LEU C 54 -20.30 29.09 30.33
C LEU C 54 -19.02 29.62 29.71
N LYS C 55 -17.91 29.36 30.37
CA LYS C 55 -16.68 29.87 29.84
C LYS C 55 -15.54 28.95 30.08
N ASN C 56 -14.54 29.02 29.19
CA ASN C 56 -13.32 28.17 29.16
C ASN C 56 -13.59 26.67 29.37
N ILE C 57 -14.61 26.18 28.68
CA ILE C 57 -15.02 24.80 28.81
C ILE C 57 -14.17 23.91 27.90
N ASN C 58 -13.45 22.95 28.48
CA ASN C 58 -12.82 21.97 27.64
C ASN C 58 -13.24 20.60 28.03
N LEU C 59 -13.52 19.75 27.03
CA LEU C 59 -13.60 18.32 27.28
C LEU C 59 -13.26 17.54 26.03
N ASN C 60 -12.92 16.27 26.23
CA ASN C 60 -12.56 15.36 25.14
C ASN C 60 -13.05 13.95 25.39
N ILE C 61 -14.16 13.63 24.77
CA ILE C 61 -14.83 12.42 25.16
C ILE C 61 -14.78 11.51 23.97
N GLU C 62 -14.20 10.33 24.19
CA GLU C 62 -14.03 9.32 23.12
C GLU C 62 -15.27 8.45 22.96
N LYS C 63 -15.49 7.99 21.73
CA LYS C 63 -16.48 6.97 21.38
C LYS C 63 -16.78 5.98 22.42
N GLY C 64 -18.04 5.94 22.87
CA GLY C 64 -18.50 4.95 23.81
C GLY C 64 -18.14 5.24 25.24
N GLU C 65 -17.44 6.33 25.50
CA GLU C 65 -17.18 6.76 26.87
C GLU C 65 -18.39 7.36 27.60
N MET C 66 -18.36 7.34 28.89
CA MET C 66 -19.40 8.07 29.67
C MET C 66 -18.81 9.28 30.39
N LEU C 67 -19.39 10.44 30.18
CA LEU C 67 -18.98 11.65 30.95
C LEU C 67 -20.02 11.95 32.01
N ALA C 68 -19.55 12.11 33.24
CA ALA C 68 -20.41 12.42 34.39
C ALA C 68 -20.27 13.92 34.66
N ILE C 69 -21.38 14.62 34.60
CA ILE C 69 -21.41 16.10 34.80
C ILE C 69 -22.12 16.38 36.07
N THR C 70 -21.39 16.95 37.02
CA THR C 70 -21.97 17.41 38.26
C THR C 70 -21.55 18.83 38.57
N GLY C 71 -21.98 19.30 39.75
CA GLY C 71 -21.58 20.62 40.21
C GLY C 71 -22.64 21.32 41.06
N SER C 72 -22.48 22.61 41.23
CA SER C 72 -23.36 23.36 42.13
C SER C 72 -24.62 23.64 41.38
N THR C 73 -25.65 23.96 42.12
CA THR C 73 -26.91 24.24 41.49
C THR C 73 -26.83 25.53 40.70
N GLY C 74 -27.39 25.57 39.51
CA GLY C 74 -27.20 26.75 38.66
C GLY C 74 -25.79 26.93 38.08
N SER C 75 -25.02 25.86 37.93
CA SER C 75 -23.62 26.02 37.52
C SER C 75 -23.43 26.09 36.03
N GLY C 76 -24.49 25.82 35.26
CA GLY C 76 -24.40 25.76 33.82
C GLY C 76 -24.55 24.30 33.29
N LYS C 77 -25.01 23.35 34.11
CA LYS C 77 -25.12 21.96 33.66
C LYS C 77 -26.07 21.81 32.52
N THR C 78 -27.32 22.21 32.68
CA THR C 78 -28.27 22.17 31.56
C THR C 78 -27.82 22.95 30.31
N SER C 79 -27.25 24.11 30.54
CA SER C 79 -26.80 24.91 29.42
C SER C 79 -25.72 24.19 28.63
N LEU C 80 -24.83 23.46 29.29
CA LEU C 80 -23.82 22.66 28.60
C LEU C 80 -24.55 21.77 27.57
N LEU C 81 -25.65 21.16 28.02
CA LEU C 81 -26.33 20.23 27.14
C LEU C 81 -26.98 20.97 25.99
N MET C 82 -27.37 22.23 26.24
CA MET C 82 -28.10 23.02 25.23
C MET C 82 -27.14 23.43 24.11
N LEU C 83 -25.91 23.72 24.54
CA LEU C 83 -24.80 24.02 23.66
C LEU C 83 -24.64 22.85 22.70
N ILE C 84 -24.38 21.66 23.26
CA ILE C 84 -24.34 20.41 22.48
C ILE C 84 -25.57 20.17 21.63
N LEU C 85 -26.75 20.62 22.03
CA LEU C 85 -27.94 20.41 21.17
C LEU C 85 -28.06 21.42 20.06
N GLY C 86 -27.26 22.48 20.13
CA GLY C 86 -27.38 23.56 19.16
C GLY C 86 -28.33 24.65 19.62
N GLU C 87 -28.71 24.66 20.88
CA GLU C 87 -29.69 25.65 21.31
C GLU C 87 -28.96 26.86 21.86
N LEU C 88 -27.71 26.66 22.18
CA LEU C 88 -26.85 27.73 22.64
C LEU C 88 -25.67 27.79 21.69
N GLU C 89 -25.12 28.98 21.62
CA GLU C 89 -24.22 29.43 20.61
C GLU C 89 -22.79 29.49 21.19
N ALA C 90 -21.88 28.61 20.79
CA ALA C 90 -20.50 28.73 21.27
C ALA C 90 -19.96 29.99 20.69
N SER C 91 -19.73 30.98 21.52
CA SER C 91 -19.32 32.26 20.97
C SER C 91 -17.77 32.34 20.87
N GLU C 92 -17.06 31.67 21.76
CA GLU C 92 -15.64 31.38 21.53
C GLU C 92 -15.35 29.87 21.66
N GLY C 93 -14.46 29.35 20.83
CA GLY C 93 -13.97 28.01 21.02
C GLY C 93 -14.41 27.05 19.93
N ILE C 94 -13.94 25.83 20.08
CA ILE C 94 -14.27 24.71 19.15
C ILE C 94 -15.16 23.59 19.78
N ILE C 95 -16.38 23.39 19.21
CA ILE C 95 -17.26 22.21 19.49
C ILE C 95 -17.31 21.19 18.35
N LYS C 96 -16.87 19.96 18.61
CA LYS C 96 -16.95 18.88 17.62
C LYS C 96 -17.68 17.61 18.09
N HIS C 97 -18.72 17.21 17.37
CA HIS C 97 -19.25 15.85 17.40
C HIS C 97 -20.14 15.72 16.17
N SER C 98 -20.48 14.49 15.77
CA SER C 98 -21.33 14.23 14.61
C SER C 98 -22.34 13.20 15.02
N GLY C 99 -23.37 12.95 14.23
CA GLY C 99 -24.40 11.95 14.57
C GLY C 99 -25.73 12.52 15.09
N ARG C 100 -26.68 11.65 15.38
CA ARG C 100 -27.86 12.05 16.10
C ARG C 100 -27.47 12.15 17.60
N VAL C 101 -28.12 13.07 18.27
CA VAL C 101 -28.10 13.06 19.71
C VAL C 101 -29.50 12.68 20.17
N SER C 102 -29.59 11.86 21.21
CA SER C 102 -30.89 11.59 21.88
C SER C 102 -30.78 12.30 23.21
N PHE C 103 -31.78 13.16 23.49
CA PHE C 103 -31.84 14.03 24.66
C PHE C 103 -32.93 13.54 25.57
N CYS C 104 -32.55 13.19 26.80
CA CYS C 104 -33.50 12.85 27.83
C CYS C 104 -33.51 14.03 28.84
N SER C 105 -34.57 14.81 28.86
CA SER C 105 -34.55 16.02 29.66
C SER C 105 -34.98 15.71 31.09
N GLN C 106 -34.65 16.66 31.94
CA GLN C 106 -34.99 16.56 33.32
C GLN C 106 -36.48 16.59 33.53
N PHE C 107 -37.21 17.35 32.73
CA PHE C 107 -38.66 17.25 32.74
C PHE C 107 -39.07 15.98 32.01
N SER C 108 -39.87 15.15 32.67
CA SER C 108 -40.36 13.90 32.06
C SER C 108 -41.63 14.04 31.24
N TRP C 109 -41.52 14.29 29.95
CA TRP C 109 -42.74 14.41 29.19
C TRP C 109 -43.37 13.08 28.73
N ILE C 110 -44.69 13.04 28.79
CA ILE C 110 -45.52 11.87 28.52
C ILE C 110 -46.55 12.39 27.52
N MET C 111 -46.55 11.87 26.29
CA MET C 111 -47.54 12.04 25.25
C MET C 111 -48.67 11.04 25.51
N PRO C 112 -49.91 11.46 25.17
CA PRO C 112 -51.13 10.63 25.28
C PRO C 112 -50.90 9.40 24.46
N GLY C 113 -51.27 8.21 24.93
CA GLY C 113 -50.92 6.96 24.26
C GLY C 113 -50.46 6.01 25.32
N THR C 114 -50.24 4.77 24.93
CA THR C 114 -49.73 3.83 25.89
C THR C 114 -48.29 4.08 26.37
N ILE C 115 -47.85 3.23 27.28
CA ILE C 115 -46.49 3.32 27.78
C ILE C 115 -45.66 2.85 26.61
N LYS C 116 -46.06 1.76 25.99
CA LYS C 116 -45.31 1.28 24.84
C LYS C 116 -45.19 2.40 23.80
N GLU C 117 -46.30 3.10 23.49
CA GLU C 117 -46.22 4.16 22.50
C GLU C 117 -45.33 5.26 22.96
N ASN C 118 -45.36 5.55 24.26
CA ASN C 118 -44.50 6.57 24.76
C ASN C 118 -43.04 6.24 24.60
N ILE C 119 -42.72 4.98 24.65
CA ILE C 119 -41.32 4.60 24.61
C ILE C 119 -40.83 4.51 23.17
N ILE C 120 -41.61 3.97 22.23
CA ILE C 120 -41.13 3.87 20.84
C ILE C 120 -41.47 5.11 20.00
N PHE C 121 -41.83 6.19 20.66
CA PHE C 121 -42.39 7.35 20.01
C PHE C 121 -41.69 7.86 18.70
N GLY C 122 -42.38 7.76 17.57
CA GLY C 122 -41.81 8.17 16.28
C GLY C 122 -40.69 7.35 15.63
N VAL C 123 -40.54 6.09 16.01
CA VAL C 123 -39.31 5.36 15.70
C VAL C 123 -39.82 3.98 15.42
N SER C 124 -39.06 3.20 14.64
CA SER C 124 -39.50 1.86 14.29
C SER C 124 -39.40 0.89 15.44
N TYR C 125 -40.50 0.19 15.69
CA TYR C 125 -40.50 -0.93 16.60
C TYR C 125 -39.47 -1.98 16.20
N ASP C 126 -38.90 -2.60 17.23
CA ASP C 126 -37.95 -3.69 17.14
C ASP C 126 -38.05 -4.45 18.46
N GLU C 127 -38.72 -5.58 18.41
CA GLU C 127 -39.24 -6.19 19.62
C GLU C 127 -38.13 -6.54 20.56
N TYR C 128 -37.04 -6.97 19.97
CA TYR C 128 -35.91 -7.34 20.79
C TYR C 128 -35.26 -6.14 21.53
N ARG C 129 -35.17 -5.05 20.84
CA ARG C 129 -34.55 -3.86 21.35
C ARG C 129 -35.44 -3.20 22.45
N TYR C 130 -36.74 -3.23 22.23
CA TYR C 130 -37.73 -2.68 23.14
C TYR C 130 -37.72 -3.43 24.47
N LYS C 131 -37.73 -4.74 24.43
CA LYS C 131 -37.72 -5.52 25.65
C LYS C 131 -36.45 -5.33 26.43
N SER C 132 -35.35 -5.16 25.72
CA SER C 132 -34.12 -4.98 26.47
C SER C 132 -34.08 -3.60 27.13
N VAL C 133 -34.61 -2.59 26.48
CA VAL C 133 -34.66 -1.28 27.07
C VAL C 133 -35.61 -1.32 28.29
N VAL C 134 -36.77 -1.95 28.14
CA VAL C 134 -37.76 -1.93 29.17
C VAL C 134 -37.20 -2.67 30.40
N LYS C 135 -36.44 -3.72 30.17
CA LYS C 135 -36.00 -4.49 31.28
C LYS C 135 -34.85 -3.68 31.99
N ALA C 136 -33.98 -3.13 31.20
CA ALA C 136 -32.86 -2.47 31.75
C ALA C 136 -33.32 -1.13 32.47
N CYS C 137 -34.39 -0.48 32.04
CA CYS C 137 -34.80 0.73 32.72
C CYS C 137 -35.67 0.36 33.92
N GLN C 138 -35.84 -0.92 34.17
CA GLN C 138 -36.57 -1.42 35.33
C GLN C 138 -37.98 -1.03 35.24
N LEU C 139 -38.56 -1.19 34.04
CA LEU C 139 -39.96 -0.87 33.88
C LEU C 139 -40.84 -2.05 34.08
N GLN C 140 -40.25 -3.24 34.00
CA GLN C 140 -41.00 -4.48 34.15
C GLN C 140 -41.74 -4.51 35.42
N GLN C 141 -41.04 -4.15 36.51
CA GLN C 141 -41.67 -4.02 37.81
C GLN C 141 -42.82 -2.99 37.82
N ASP C 142 -42.80 -2.02 36.92
CA ASP C 142 -43.91 -1.07 36.90
C ASP C 142 -45.09 -1.66 36.12
N ILE C 143 -44.80 -2.15 34.91
CA ILE C 143 -45.87 -2.51 33.98
C ILE C 143 -46.60 -3.72 34.51
N THR C 144 -45.87 -4.61 35.17
CA THR C 144 -46.57 -5.75 35.79
C THR C 144 -47.65 -5.42 36.85
N LYS C 145 -47.73 -4.18 37.35
CA LYS C 145 -48.71 -3.86 38.35
C LYS C 145 -49.96 -3.38 37.67
N PHE C 146 -49.96 -3.29 36.32
CA PHE C 146 -51.10 -2.79 35.57
C PHE C 146 -51.88 -3.89 34.76
N ALA C 147 -53.21 -3.78 34.75
CA ALA C 147 -54.06 -4.75 34.05
C ALA C 147 -53.51 -5.00 32.62
N GLU C 148 -53.26 -3.95 31.85
CA GLU C 148 -52.73 -4.07 30.46
C GLU C 148 -51.20 -3.87 30.26
N GLN C 149 -50.45 -3.89 31.35
CA GLN C 149 -49.01 -3.80 31.24
C GLN C 149 -48.50 -2.59 30.42
N ASP C 150 -47.52 -2.76 29.55
CA ASP C 150 -47.19 -1.61 28.67
C ASP C 150 -48.26 -1.11 27.64
N ASN C 151 -49.43 -1.74 27.61
CA ASN C 151 -50.57 -1.16 26.86
C ASN C 151 -51.47 -0.26 27.69
N THR C 152 -51.03 0.08 28.89
CA THR C 152 -51.88 0.92 29.71
C THR C 152 -51.83 2.27 29.03
N VAL C 153 -52.99 2.87 28.89
CA VAL C 153 -53.11 4.16 28.30
C VAL C 153 -52.71 5.16 29.33
N LEU C 154 -51.83 6.10 28.97
CA LEU C 154 -51.53 7.26 29.82
C LEU C 154 -52.15 8.61 29.36
N GLY C 155 -52.66 9.36 30.29
CA GLY C 155 -53.06 10.69 30.01
C GLY C 155 -51.85 11.57 29.98
N GLU C 156 -52.06 12.73 29.45
CA GLU C 156 -51.01 13.60 29.07
C GLU C 156 -50.35 13.98 30.38
N GLY C 157 -49.01 14.02 30.30
CA GLY C 157 -48.16 14.25 31.46
C GLY C 157 -48.20 13.05 32.42
N GLY C 158 -48.82 11.90 32.04
CA GLY C 158 -49.14 10.77 32.95
C GLY C 158 -49.10 11.09 34.48
N VAL C 159 -50.08 11.83 34.87
CA VAL C 159 -50.05 12.59 36.08
C VAL C 159 -50.28 11.69 37.34
N THR C 160 -50.80 10.47 37.22
CA THR C 160 -51.02 9.65 38.41
C THR C 160 -49.84 8.72 38.74
N LEU C 161 -48.81 8.71 37.90
CA LEU C 161 -47.60 7.93 38.09
C LEU C 161 -46.70 8.64 39.07
N SER C 162 -45.74 7.92 39.66
CA SER C 162 -44.79 8.59 40.51
C SER C 162 -43.84 9.34 39.55
N GLY C 163 -43.04 10.22 40.09
CA GLY C 163 -41.93 10.81 39.34
C GLY C 163 -40.93 9.82 38.80
N GLY C 164 -40.59 8.78 39.58
CA GLY C 164 -39.55 7.86 39.16
C GLY C 164 -40.16 7.09 38.01
N GLN C 165 -41.42 6.72 38.06
CA GLN C 165 -42.03 6.08 36.88
C GLN C 165 -41.95 6.90 35.61
N ARG C 166 -42.23 8.19 35.73
CA ARG C 166 -42.30 9.00 34.50
C ARG C 166 -40.84 9.17 33.94
N ALA C 167 -39.89 9.42 34.84
CA ALA C 167 -38.50 9.43 34.51
C ALA C 167 -38.06 8.12 33.86
N ARG C 168 -38.39 6.96 34.42
CA ARG C 168 -37.98 5.72 33.74
C ARG C 168 -38.60 5.59 32.30
N ILE C 169 -39.87 5.98 32.13
CA ILE C 169 -40.52 5.83 30.82
C ILE C 169 -39.77 6.81 29.89
N SER C 170 -39.41 7.97 30.41
CA SER C 170 -38.78 8.92 29.55
C SER C 170 -37.29 8.62 29.32
N LEU C 171 -36.66 7.91 30.24
CA LEU C 171 -35.36 7.37 30.00
C LEU C 171 -35.47 6.25 28.93
N ALA C 172 -36.41 5.31 29.09
CA ALA C 172 -36.50 4.24 28.07
C ALA C 172 -36.65 4.84 26.66
N ARG C 173 -37.46 5.90 26.53
CA ARG C 173 -37.65 6.58 25.29
C ARG C 173 -36.32 7.12 24.75
N ALA C 174 -35.63 7.96 25.50
CA ALA C 174 -34.34 8.49 25.00
C ALA C 174 -33.41 7.32 24.58
N VAL C 175 -33.49 6.18 25.30
CA VAL C 175 -32.52 5.10 25.18
C VAL C 175 -32.93 4.16 24.04
N TYR C 176 -34.25 4.02 23.80
CA TYR C 176 -34.70 3.16 22.77
C TYR C 176 -34.30 3.71 21.38
N LYS C 177 -34.38 5.01 21.22
CA LYS C 177 -33.83 5.72 20.09
C LYS C 177 -32.35 5.39 19.87
N ASP C 178 -32.06 5.06 18.61
CA ASP C 178 -30.67 4.75 18.23
C ASP C 178 -29.91 6.01 17.85
N ALA C 179 -29.04 6.51 18.70
CA ALA C 179 -28.45 7.76 18.34
C ALA C 179 -26.97 7.63 18.43
N ASP C 180 -26.19 8.63 18.05
CA ASP C 180 -24.77 8.57 18.36
C ASP C 180 -24.32 9.12 19.71
N LEU C 181 -25.16 9.92 20.35
CA LEU C 181 -24.70 10.63 21.55
C LEU C 181 -25.97 10.77 22.41
N TYR C 182 -25.90 10.26 23.63
CA TYR C 182 -26.97 10.30 24.62
C TYR C 182 -26.71 11.34 25.68
N LEU C 183 -27.66 12.30 25.77
CA LEU C 183 -27.64 13.37 26.79
C LEU C 183 -28.73 13.11 27.84
N LEU C 184 -28.30 12.84 29.05
CA LEU C 184 -29.18 12.40 30.14
C LEU C 184 -29.18 13.45 31.29
N ASP C 185 -30.18 14.36 31.28
CA ASP C 185 -30.21 15.40 32.27
C ASP C 185 -30.84 14.98 33.59
N SER C 186 -30.04 14.56 34.56
CA SER C 186 -30.55 14.20 35.93
C SER C 186 -31.71 13.28 35.99
N PRO C 187 -31.67 12.11 35.41
CA PRO C 187 -32.84 11.21 35.60
C PRO C 187 -32.79 10.72 37.01
N PHE C 188 -31.64 10.72 37.66
CA PHE C 188 -31.60 10.02 38.96
C PHE C 188 -31.77 10.93 40.18
N GLY C 189 -33.00 11.37 40.42
CA GLY C 189 -33.29 12.41 41.43
C GLY C 189 -34.53 12.17 42.31
N TYR C 190 -35.08 10.96 42.41
CA TYR C 190 -36.36 10.73 43.07
C TYR C 190 -36.11 9.92 44.33
N LEU C 191 -37.19 9.58 45.02
CA LEU C 191 -37.05 8.86 46.30
C LEU C 191 -36.73 7.36 46.19
N ASP C 192 -37.12 6.68 45.09
CA ASP C 192 -36.99 5.23 44.99
C ASP C 192 -35.57 4.95 44.56
N VAL C 193 -34.67 5.15 45.51
CA VAL C 193 -33.27 5.27 45.24
C VAL C 193 -32.60 3.93 44.85
N PHE C 194 -33.15 2.84 45.37
CA PHE C 194 -32.67 1.50 45.07
C PHE C 194 -32.97 1.14 43.63
N THR C 195 -34.15 1.49 43.11
CA THR C 195 -34.40 1.32 41.70
C THR C 195 -33.42 2.08 40.85
N GLU C 196 -33.11 3.31 41.25
CA GLU C 196 -32.21 4.15 40.47
C GLU C 196 -30.83 3.57 40.45
N GLU C 197 -30.44 2.87 41.52
CA GLU C 197 -29.12 2.18 41.52
C GLU C 197 -29.19 1.08 40.48
N GLN C 198 -30.31 0.33 40.42
CA GLN C 198 -30.37 -0.73 39.40
C GLN C 198 -30.36 -0.13 38.02
N VAL C 199 -31.11 1.00 37.79
CA VAL C 199 -31.24 1.59 36.45
C VAL C 199 -29.85 2.06 36.05
N PHE C 200 -29.15 2.64 36.96
CA PHE C 200 -27.89 3.19 36.56
C PHE C 200 -26.96 2.01 36.13
N GLU C 201 -26.96 0.93 36.89
CA GLU C 201 -26.16 -0.21 36.57
C GLU C 201 -26.66 -0.90 35.26
N SER C 202 -27.92 -1.28 35.16
CA SER C 202 -28.26 -2.02 33.98
C SER C 202 -28.37 -1.19 32.75
N CYS C 203 -28.96 0.01 32.85
CA CYS C 203 -29.19 0.76 31.68
C CYS C 203 -27.94 1.51 31.29
N VAL C 204 -27.42 2.37 32.17
CA VAL C 204 -26.42 3.34 31.78
C VAL C 204 -25.03 2.71 31.68
N CYS C 205 -24.65 1.88 32.65
CA CYS C 205 -23.39 1.18 32.53
C CYS C 205 -23.36 -0.04 31.53
N LYS C 206 -24.34 -0.95 31.59
CA LYS C 206 -24.33 -2.18 30.78
C LYS C 206 -25.01 -2.01 29.46
N LEU C 207 -26.32 -1.79 29.43
CA LEU C 207 -26.97 -1.67 28.13
C LEU C 207 -26.29 -0.64 27.26
N MET C 208 -25.80 0.47 27.82
CA MET C 208 -25.34 1.55 26.94
C MET C 208 -23.83 1.64 26.90
N ALA C 209 -23.13 0.55 27.29
CA ALA C 209 -21.64 0.51 27.39
C ALA C 209 -20.84 1.07 26.19
N ASN C 210 -21.36 0.87 24.97
CA ASN C 210 -20.76 1.44 23.77
C ASN C 210 -21.37 2.69 23.19
N LYS C 211 -22.43 3.22 23.82
CA LYS C 211 -22.91 4.50 23.34
C LYS C 211 -22.21 5.62 24.10
N THR C 212 -21.56 6.51 23.40
CA THR C 212 -21.14 7.77 24.00
C THR C 212 -22.28 8.46 24.75
N ARG C 213 -22.03 8.77 26.03
CA ARG C 213 -23.09 9.27 26.85
C ARG C 213 -22.68 10.24 27.92
N ILE C 214 -23.55 11.27 28.09
CA ILE C 214 -23.30 12.34 29.06
C ILE C 214 -24.40 12.32 30.11
N LEU C 215 -24.02 12.04 31.36
CA LEU C 215 -25.00 11.92 32.43
C LEU C 215 -24.83 13.11 33.40
N VAL C 216 -25.83 13.97 33.50
CA VAL C 216 -25.75 15.00 34.53
C VAL C 216 -26.29 14.37 35.78
N THR C 217 -25.61 14.55 36.89
CA THR C 217 -25.97 13.77 38.06
C THR C 217 -25.46 14.43 39.34
N SER C 218 -25.93 13.94 40.48
CA SER C 218 -25.45 14.40 41.78
C SER C 218 -25.13 13.18 42.65
N LYS C 219 -24.98 12.00 42.03
CA LYS C 219 -24.50 10.83 42.77
C LYS C 219 -22.99 10.52 42.57
N MET C 220 -22.25 10.27 43.66
CA MET C 220 -20.79 10.02 43.59
C MET C 220 -20.45 8.69 42.97
N GLU C 221 -21.30 7.69 43.17
CA GLU C 221 -21.21 6.47 42.38
C GLU C 221 -21.10 6.72 40.89
N HIS C 222 -21.82 7.69 40.37
CA HIS C 222 -21.79 7.89 38.90
C HIS C 222 -20.48 8.52 38.46
N LEU C 223 -19.82 9.23 39.36
CA LEU C 223 -18.51 9.84 39.08
C LEU C 223 -17.42 8.77 39.10
N ARG C 224 -17.57 7.80 39.95
CA ARG C 224 -16.63 6.79 40.12
C ARG C 224 -16.71 5.76 38.97
N LYS C 225 -17.89 5.53 38.40
CA LYS C 225 -18.00 4.65 37.28
C LYS C 225 -17.78 5.39 36.02
N ALA C 226 -17.58 6.72 36.04
CA ALA C 226 -17.48 7.39 34.72
C ALA C 226 -16.13 7.27 34.07
N ASP C 227 -16.03 7.56 32.78
CA ASP C 227 -14.74 7.60 32.16
C ASP C 227 -14.13 8.95 32.37
N LYS C 228 -14.95 10.00 32.33
CA LYS C 228 -14.49 11.33 32.60
C LYS C 228 -15.55 12.07 33.38
N ILE C 229 -15.13 13.18 34.02
CA ILE C 229 -15.89 13.93 34.97
C ILE C 229 -15.76 15.42 34.74
N LEU C 230 -16.86 16.14 34.58
CA LEU C 230 -16.77 17.57 34.57
C LEU C 230 -17.57 18.09 35.80
N ILE C 231 -16.99 18.94 36.62
CA ILE C 231 -17.68 19.57 37.71
C ILE C 231 -17.65 21.03 37.44
N LEU C 232 -18.84 21.63 37.47
CA LEU C 232 -19.06 22.99 37.05
C LEU C 232 -19.34 23.80 38.29
N HIS C 233 -18.91 25.06 38.27
CA HIS C 233 -19.29 26.04 39.30
C HIS C 233 -19.32 27.46 38.73
N GLN C 234 -20.51 28.04 38.75
CA GLN C 234 -20.72 29.41 38.37
C GLN C 234 -20.17 29.56 36.98
N GLY C 235 -20.58 28.64 36.11
CA GLY C 235 -20.34 28.80 34.69
C GLY C 235 -18.93 28.33 34.33
N SER C 236 -18.21 27.80 35.31
CA SER C 236 -16.85 27.41 35.06
C SER C 236 -16.59 26.00 35.45
N SER C 237 -15.50 25.53 34.91
CA SER C 237 -15.09 24.18 35.07
C SER C 237 -14.28 24.21 36.30
N TYR C 238 -14.81 23.80 37.45
CA TYR C 238 -14.01 23.45 38.60
C TYR C 238 -13.01 22.33 38.37
N PHE C 239 -13.38 21.30 37.63
CA PHE C 239 -12.53 20.09 37.51
C PHE C 239 -12.93 19.27 36.24
N TYR C 240 -11.93 18.72 35.56
CA TYR C 240 -12.21 17.86 34.42
C TYR C 240 -11.10 16.88 34.34
N GLY C 241 -11.45 15.62 34.23
CA GLY C 241 -10.51 14.55 34.41
C GLY C 241 -11.22 13.27 34.86
N THR C 242 -10.45 12.31 35.37
CA THR C 242 -10.97 11.01 35.67
C THR C 242 -11.16 11.03 37.13
N PHE C 243 -11.82 10.01 37.63
CA PHE C 243 -12.15 9.95 39.03
C PHE C 243 -10.84 9.96 39.82
N SER C 244 -9.88 9.19 39.31
CA SER C 244 -8.53 9.15 39.85
C SER C 244 -7.89 10.53 39.95
N GLU C 245 -7.77 11.25 38.83
CA GLU C 245 -7.29 12.64 38.93
C GLU C 245 -8.12 13.56 39.87
N LEU C 246 -9.44 13.34 39.98
CA LEU C 246 -10.25 14.00 41.00
C LEU C 246 -9.75 13.81 42.45
N GLN C 247 -9.44 12.60 42.86
CA GLN C 247 -9.05 12.50 44.27
C GLN C 247 -7.65 13.05 44.57
N SER C 248 -6.79 13.07 43.55
CA SER C 248 -5.43 13.55 43.72
C SER C 248 -5.29 15.06 43.54
N LEU C 249 -6.15 15.67 42.76
CA LEU C 249 -6.03 17.10 42.42
C LEU C 249 -7.11 17.97 43.01
N ARG C 250 -8.10 17.33 43.65
CA ARG C 250 -9.17 18.06 44.35
C ARG C 250 -9.52 17.27 45.58
N PRO C 251 -8.54 17.09 46.46
CA PRO C 251 -8.65 16.15 47.57
C PRO C 251 -9.49 16.68 48.73
N ASP C 252 -9.73 17.99 48.77
CA ASP C 252 -10.64 18.59 49.74
C ASP C 252 -12.08 18.32 49.35
N PHE C 253 -12.41 18.66 48.10
CA PHE C 253 -13.68 18.30 47.51
C PHE C 253 -13.91 16.82 47.73
N SER C 254 -12.92 16.03 47.34
CA SER C 254 -13.06 14.59 47.40
C SER C 254 -13.28 14.07 48.79
N SER C 255 -12.51 14.58 49.73
CA SER C 255 -12.58 14.10 51.08
C SER C 255 -13.93 14.43 51.67
N LYS C 256 -14.46 15.57 51.30
CA LYS C 256 -15.76 15.98 51.80
C LYS C 256 -16.84 15.09 51.17
N LEU C 257 -16.76 14.81 49.86
CA LEU C 257 -17.84 14.01 49.23
C LEU C 257 -17.81 12.51 49.49
N MET C 258 -16.62 11.95 49.59
CA MET C 258 -16.45 10.51 49.76
C MET C 258 -16.51 10.15 51.21
N GLY C 259 -16.41 11.17 52.06
CA GLY C 259 -16.55 11.06 53.50
C GLY C 259 -17.85 10.45 54.02
N TYR C 260 -18.93 10.51 53.22
CA TYR C 260 -20.25 10.20 53.78
C TYR C 260 -20.51 8.72 53.66
N ASP C 261 -21.23 8.11 54.57
CA ASP C 261 -21.49 6.66 54.35
C ASP C 261 -22.42 6.45 53.12
N THR C 262 -23.48 7.22 53.01
CA THR C 262 -24.44 6.90 52.01
C THR C 262 -24.97 8.19 51.37
N PHE C 263 -24.03 9.03 50.96
CA PHE C 263 -24.29 10.24 50.26
C PHE C 263 -25.35 10.07 49.16
N ASP C 264 -25.28 8.97 48.43
CA ASP C 264 -26.03 8.81 47.21
C ASP C 264 -27.44 8.46 47.57
N GLN C 265 -27.67 8.17 48.82
CA GLN C 265 -29.06 8.01 49.27
C GLN C 265 -29.72 9.21 49.94
N PHE C 266 -29.03 10.37 50.00
CA PHE C 266 -29.66 11.64 50.47
C PHE C 266 -30.63 12.04 49.37
N THR C 267 -31.51 13.01 49.61
CA THR C 267 -32.47 13.39 48.58
C THR C 267 -31.63 14.09 47.61
N GLU C 268 -32.14 14.28 46.40
CA GLU C 268 -31.41 15.08 45.44
C GLU C 268 -31.08 16.53 45.96
N GLU C 269 -32.06 17.14 46.65
CA GLU C 269 -31.89 18.44 47.32
C GLU C 269 -30.68 18.44 48.29
N ARG C 270 -30.61 17.50 49.23
CA ARG C 270 -29.48 17.54 50.12
C ARG C 270 -28.19 17.25 49.35
N ARG C 271 -28.20 16.32 48.38
CA ARG C 271 -26.96 16.11 47.62
C ARG C 271 -26.50 17.40 46.88
N SER C 272 -27.39 18.08 46.21
CA SER C 272 -26.97 19.28 45.49
C SER C 272 -26.54 20.37 46.44
N SER C 273 -27.14 20.31 47.62
CA SER C 273 -26.87 21.37 48.57
C SER C 273 -25.51 21.11 49.14
N ILE C 274 -25.17 19.88 49.50
CA ILE C 274 -23.80 19.62 49.92
C ILE C 274 -22.75 19.86 48.78
N LEU C 275 -23.08 19.53 47.53
CA LEU C 275 -22.14 19.80 46.44
C LEU C 275 -21.89 21.33 46.26
N THR C 276 -22.93 22.15 46.27
CA THR C 276 -22.80 23.63 46.25
C THR C 276 -21.92 24.18 47.42
N GLU C 277 -22.23 23.80 48.64
CA GLU C 277 -21.45 24.24 49.80
C GLU C 277 -19.98 23.89 49.67
N THR C 278 -19.68 22.69 49.24
CA THR C 278 -18.29 22.22 49.15
C THR C 278 -17.52 22.96 48.09
N LEU C 279 -18.20 23.29 47.02
CA LEU C 279 -17.58 23.91 45.89
C LEU C 279 -17.37 25.43 46.20
N ARG C 280 -18.36 26.04 46.89
CA ARG C 280 -18.29 27.44 47.34
C ARG C 280 -17.01 27.56 48.22
N ARG C 281 -16.79 26.58 49.10
CA ARG C 281 -15.61 26.54 49.95
C ARG C 281 -14.26 26.39 49.26
N PHE C 282 -14.16 25.40 48.38
CA PHE C 282 -12.86 25.05 47.84
C PHE C 282 -12.68 25.70 46.48
N SER C 283 -12.68 27.01 46.50
CA SER C 283 -12.22 27.86 45.39
C SER C 283 -13.37 28.23 44.44
N THR D 3 -9.19 5.29 -20.05
CA THR D 3 -8.21 4.16 -20.01
C THR D 3 -7.63 3.83 -21.42
N GLY D 4 -8.47 3.86 -22.45
CA GLY D 4 -8.07 3.62 -23.82
C GLY D 4 -8.50 4.89 -24.54
N ILE D 5 -8.98 4.82 -25.76
CA ILE D 5 -9.54 6.04 -26.31
C ILE D 5 -10.84 5.82 -27.03
N ILE D 6 -11.77 6.74 -26.75
CA ILE D 6 -13.13 6.75 -27.33
C ILE D 6 -13.48 8.01 -28.07
N MET D 7 -13.98 7.81 -29.27
CA MET D 7 -14.59 8.93 -29.98
C MET D 7 -16.03 8.59 -30.34
N GLU D 8 -16.96 9.35 -29.79
CA GLU D 8 -18.39 9.16 -30.09
C GLU D 8 -18.90 10.33 -30.91
N ASN D 9 -19.39 10.00 -32.09
CA ASN D 9 -19.87 10.97 -33.06
C ASN D 9 -19.20 12.34 -33.06
N VAL D 10 -17.91 12.36 -33.36
CA VAL D 10 -17.21 13.61 -33.29
C VAL D 10 -17.33 14.23 -34.65
N THR D 11 -17.50 15.55 -34.68
CA THR D 11 -17.40 16.31 -35.90
C THR D 11 -16.59 17.57 -35.55
N ALA D 12 -15.74 17.99 -36.47
CA ALA D 12 -14.98 19.18 -36.18
C ALA D 12 -14.90 20.03 -37.42
N PHE D 13 -15.14 21.32 -37.24
CA PHE D 13 -15.05 22.26 -38.35
C PHE D 13 -13.69 22.92 -38.40
N TRP D 14 -13.30 23.31 -39.61
CA TRP D 14 -12.23 24.24 -39.86
C TRP D 14 -12.45 25.51 -39.05
N GLU D 15 -11.65 25.71 -38.00
CA GLU D 15 -11.53 27.05 -37.42
C GLU D 15 -10.23 27.66 -37.88
N GLU D 16 -10.02 28.91 -37.47
CA GLU D 16 -8.88 29.69 -37.90
C GLU D 16 -7.59 29.05 -37.42
N GLY D 17 -6.47 29.50 -37.99
CA GLY D 17 -5.18 28.98 -37.63
C GLY D 17 -4.92 27.55 -38.06
N PHE D 18 -5.89 26.66 -37.86
CA PHE D 18 -5.73 25.22 -38.11
C PHE D 18 -4.91 24.82 -39.34
N GLY D 19 -5.06 25.59 -40.42
CA GLY D 19 -4.32 25.38 -41.66
C GLY D 19 -2.84 25.74 -41.57
N GLU D 20 -2.56 26.84 -40.87
CA GLU D 20 -1.22 27.19 -40.44
C GLU D 20 -0.63 25.99 -39.71
N LEU D 21 -1.38 25.48 -38.73
CA LEU D 21 -0.93 24.38 -37.91
C LEU D 21 -0.58 23.12 -38.72
N LEU D 22 -1.56 22.49 -39.38
CA LEU D 22 -1.25 21.29 -40.15
C LEU D 22 -0.04 21.51 -41.09
N GLU D 23 0.15 22.77 -41.51
CA GLU D 23 1.36 23.26 -42.22
C GLU D 23 2.65 22.79 -41.55
N LYS D 24 2.72 23.06 -40.24
CA LYS D 24 3.89 22.80 -39.42
C LYS D 24 4.07 21.32 -39.16
N VAL D 25 2.97 20.63 -38.90
CA VAL D 25 3.06 19.22 -38.56
C VAL D 25 3.17 18.27 -39.77
N PHE D 43 -7.05 29.95 -46.08
CA PHE D 43 -8.05 28.89 -45.84
C PHE D 43 -9.46 29.41 -45.79
N SER D 44 -9.72 30.29 -44.82
CA SER D 44 -10.85 31.25 -44.78
C SER D 44 -12.15 30.74 -45.36
N HIS D 45 -12.12 30.41 -46.65
CA HIS D 45 -13.32 29.96 -47.36
C HIS D 45 -13.94 28.76 -46.71
N LEU D 46 -13.12 27.88 -46.13
CA LEU D 46 -13.58 26.72 -45.36
C LEU D 46 -14.26 27.15 -44.06
N CYS D 47 -13.60 28.05 -43.32
CA CYS D 47 -14.21 28.68 -42.14
C CYS D 47 -15.42 29.48 -42.59
N LEU D 48 -15.18 30.70 -43.07
CA LEU D 48 -16.21 31.53 -43.68
C LEU D 48 -17.45 30.72 -44.07
N VAL D 49 -17.26 29.79 -45.01
CA VAL D 49 -18.35 28.99 -45.52
C VAL D 49 -18.94 28.06 -44.42
N GLY D 50 -18.08 27.47 -43.57
CA GLY D 50 -18.55 26.71 -42.41
C GLY D 50 -18.08 25.27 -42.24
N ASN D 51 -17.61 24.70 -43.35
CA ASN D 51 -17.15 23.31 -43.53
C ASN D 51 -16.42 22.50 -42.39
N PRO D 52 -16.85 21.23 -42.21
CA PRO D 52 -16.18 20.26 -41.34
C PRO D 52 -14.82 19.82 -41.89
N VAL D 53 -13.92 19.51 -40.94
CA VAL D 53 -12.61 18.95 -41.26
C VAL D 53 -12.74 17.44 -41.16
N LEU D 54 -13.35 16.97 -40.06
CA LEU D 54 -13.75 15.58 -39.86
C LEU D 54 -15.22 15.59 -39.42
N LYS D 55 -15.91 14.49 -39.73
CA LYS D 55 -17.36 14.41 -39.64
C LYS D 55 -17.86 13.08 -39.15
N ASN D 56 -18.70 13.12 -38.12
CA ASN D 56 -19.22 11.91 -37.43
C ASN D 56 -18.22 10.78 -37.10
N ILE D 57 -17.14 11.09 -36.40
CA ILE D 57 -16.10 10.07 -36.21
C ILE D 57 -16.36 9.15 -35.02
N ASN D 58 -16.36 7.85 -35.23
CA ASN D 58 -16.46 6.98 -34.08
C ASN D 58 -15.27 6.03 -34.04
N LEU D 59 -14.69 5.85 -32.84
CA LEU D 59 -13.66 4.84 -32.56
C LEU D 59 -13.70 4.44 -31.07
N ASN D 60 -13.43 3.16 -30.85
CA ASN D 60 -13.35 2.65 -29.50
C ASN D 60 -12.15 1.74 -29.33
N ILE D 61 -11.14 2.23 -28.62
CA ILE D 61 -9.85 1.53 -28.62
C ILE D 61 -9.52 1.25 -27.21
N GLU D 62 -9.39 -0.01 -26.87
CA GLU D 62 -9.04 -0.37 -25.49
C GLU D 62 -7.54 -0.21 -25.13
N LYS D 63 -7.27 -0.04 -23.83
CA LYS D 63 -5.92 0.01 -23.34
C LYS D 63 -5.06 -1.12 -23.97
N GLY D 64 -3.88 -0.76 -24.49
CA GLY D 64 -2.93 -1.74 -25.02
C GLY D 64 -3.24 -2.26 -26.41
N GLU D 65 -4.22 -1.65 -27.03
CA GLU D 65 -4.57 -2.00 -28.41
C GLU D 65 -3.93 -1.05 -29.42
N MET D 66 -3.87 -1.46 -30.67
CA MET D 66 -3.44 -0.57 -31.71
C MET D 66 -4.54 -0.34 -32.75
N LEU D 67 -4.73 0.94 -33.06
CA LEU D 67 -5.56 1.44 -34.16
C LEU D 67 -4.66 1.83 -35.38
N ALA D 68 -4.87 1.19 -36.54
CA ALA D 68 -4.27 1.62 -37.79
C ALA D 68 -5.26 2.55 -38.51
N ILE D 69 -4.87 3.81 -38.71
CA ILE D 69 -5.62 4.77 -39.50
C ILE D 69 -5.01 4.97 -40.90
N THR D 70 -5.76 4.69 -41.94
CA THR D 70 -5.34 5.01 -43.30
C THR D 70 -6.49 5.70 -44.09
N GLY D 71 -6.26 5.93 -45.36
CA GLY D 71 -7.25 6.65 -46.13
C GLY D 71 -6.63 7.37 -47.29
N SER D 72 -7.46 8.12 -48.00
CA SER D 72 -7.01 8.83 -49.19
C SER D 72 -6.22 10.04 -48.73
N THR D 73 -5.45 10.62 -49.64
CA THR D 73 -4.69 11.79 -49.22
C THR D 73 -5.59 13.00 -48.88
N GLY D 74 -5.19 13.81 -47.91
CA GLY D 74 -6.03 14.90 -47.48
C GLY D 74 -7.33 14.48 -46.79
N SER D 75 -7.50 13.20 -46.50
CA SER D 75 -8.72 12.78 -45.85
C SER D 75 -8.96 13.11 -44.36
N GLY D 76 -8.05 13.83 -43.71
CA GLY D 76 -8.24 14.21 -42.32
C GLY D 76 -7.46 13.42 -41.28
N LYS D 77 -6.61 12.52 -41.77
CA LYS D 77 -5.88 11.60 -40.89
C LYS D 77 -5.12 12.36 -39.85
N THR D 78 -4.30 13.30 -40.28
CA THR D 78 -3.59 14.13 -39.35
C THR D 78 -4.46 14.97 -38.41
N SER D 79 -5.58 15.48 -38.95
CA SER D 79 -6.51 16.34 -38.21
C SER D 79 -7.14 15.55 -37.09
N LEU D 80 -7.45 14.28 -37.36
CA LEU D 80 -7.91 13.37 -36.31
C LEU D 80 -6.88 13.30 -35.20
N LEU D 81 -5.59 13.34 -35.51
CA LEU D 81 -4.54 13.28 -34.48
C LEU D 81 -4.47 14.62 -33.74
N MET D 82 -4.63 15.73 -34.45
CA MET D 82 -4.67 17.05 -33.79
C MET D 82 -5.84 17.17 -32.82
N LEU D 83 -6.97 16.55 -33.18
CA LEU D 83 -8.12 16.46 -32.32
C LEU D 83 -7.75 15.77 -30.99
N ILE D 84 -7.09 14.62 -31.07
CA ILE D 84 -6.59 13.96 -29.87
C ILE D 84 -5.55 14.83 -29.13
N LEU D 85 -4.78 15.62 -29.84
CA LEU D 85 -3.86 16.45 -29.09
C LEU D 85 -4.53 17.72 -28.54
N GLY D 86 -5.82 17.89 -28.82
CA GLY D 86 -6.52 19.02 -28.27
C GLY D 86 -6.33 20.24 -29.12
N GLU D 87 -5.69 20.09 -30.28
CA GLU D 87 -5.41 21.24 -31.15
C GLU D 87 -6.58 21.64 -32.02
N LEU D 88 -7.50 20.74 -32.22
CA LEU D 88 -8.63 21.01 -33.07
C LEU D 88 -9.77 20.68 -32.15
N GLU D 89 -10.74 21.58 -32.12
CA GLU D 89 -11.80 21.50 -31.13
C GLU D 89 -12.85 20.52 -31.63
N ALA D 90 -13.45 19.75 -30.74
CA ALA D 90 -14.54 18.92 -31.20
C ALA D 90 -15.77 19.82 -31.30
N SER D 91 -16.43 19.85 -32.45
CA SER D 91 -17.65 20.64 -32.58
C SER D 91 -18.89 19.87 -32.18
N GLU D 92 -18.91 18.58 -32.51
CA GLU D 92 -19.89 17.70 -31.91
C GLU D 92 -19.11 16.50 -31.39
N GLY D 93 -19.68 15.82 -30.41
CA GLY D 93 -19.23 14.48 -30.07
C GLY D 93 -18.49 14.26 -28.76
N ILE D 94 -18.48 13.00 -28.35
CA ILE D 94 -17.71 12.50 -27.22
C ILE D 94 -16.25 12.18 -27.65
N ILE D 95 -15.30 12.94 -27.11
CA ILE D 95 -13.91 12.48 -27.10
C ILE D 95 -13.39 12.11 -25.67
N LYS D 96 -13.31 10.81 -25.40
CA LYS D 96 -12.79 10.31 -24.13
C LYS D 96 -11.42 9.65 -24.26
N HIS D 97 -10.45 10.29 -23.65
CA HIS D 97 -9.16 9.63 -23.37
C HIS D 97 -8.52 10.34 -22.21
N SER D 98 -7.83 9.57 -21.38
CA SER D 98 -7.22 10.10 -20.17
C SER D 98 -5.75 9.77 -20.23
N GLY D 99 -4.89 10.78 -20.19
CA GLY D 99 -3.48 10.52 -19.91
C GLY D 99 -2.46 11.38 -20.66
N ARG D 100 -1.21 10.95 -20.54
CA ARG D 100 -0.12 11.51 -21.32
C ARG D 100 -0.19 10.88 -22.68
N VAL D 101 0.00 11.72 -23.67
CA VAL D 101 0.15 11.22 -25.04
C VAL D 101 1.47 11.64 -25.57
N SER D 102 2.11 10.69 -26.26
CA SER D 102 3.35 10.93 -26.99
C SER D 102 3.01 10.92 -28.51
N PHE D 103 3.44 11.99 -29.16
CA PHE D 103 3.14 12.27 -30.57
C PHE D 103 4.48 12.27 -31.35
N CYS D 104 4.59 11.39 -32.31
CA CYS D 104 5.66 11.45 -33.26
C CYS D 104 5.00 11.95 -34.60
N SER D 105 5.34 13.16 -35.05
CA SER D 105 4.76 13.79 -36.27
C SER D 105 5.49 13.34 -37.48
N GLN D 106 4.84 13.47 -38.66
CA GLN D 106 5.47 13.13 -39.95
C GLN D 106 6.75 13.93 -40.10
N PHE D 107 6.72 15.19 -39.70
CA PHE D 107 7.91 16.00 -39.66
C PHE D 107 8.80 15.52 -38.53
N SER D 108 9.83 14.78 -38.91
CA SER D 108 10.94 14.43 -38.04
C SER D 108 11.78 15.60 -37.64
N TRP D 109 11.45 16.34 -36.59
CA TRP D 109 12.38 17.40 -36.22
C TRP D 109 13.62 16.94 -35.44
N ILE D 110 14.75 17.59 -35.62
CA ILE D 110 15.99 17.16 -35.05
C ILE D 110 16.53 18.42 -34.43
N MET D 111 16.72 18.42 -33.11
CA MET D 111 17.31 19.50 -32.36
C MET D 111 18.83 19.40 -32.50
N PRO D 112 19.54 20.56 -32.50
CA PRO D 112 21.02 20.57 -32.37
C PRO D 112 21.41 19.81 -31.15
N GLY D 113 22.31 18.83 -31.28
CA GLY D 113 22.78 18.04 -30.17
C GLY D 113 23.07 16.63 -30.62
N THR D 114 23.41 15.76 -29.70
CA THR D 114 23.75 14.39 -30.14
C THR D 114 22.49 13.62 -30.50
N ILE D 115 22.69 12.51 -31.15
CA ILE D 115 21.57 11.58 -31.39
C ILE D 115 20.84 11.16 -30.12
N LYS D 116 21.61 10.81 -29.11
CA LYS D 116 21.11 10.37 -27.83
C LYS D 116 20.30 11.52 -27.25
N GLU D 117 20.90 12.74 -27.18
CA GLU D 117 20.19 13.93 -26.69
C GLU D 117 18.94 14.08 -27.49
N ASN D 118 18.97 13.80 -28.81
CA ASN D 118 17.72 14.00 -29.58
C ASN D 118 16.70 12.99 -29.17
N ILE D 119 17.11 11.79 -28.70
CA ILE D 119 16.11 10.73 -28.39
C ILE D 119 15.51 10.93 -26.99
N ILE D 120 16.37 11.28 -26.05
CA ILE D 120 16.02 11.48 -24.68
C ILE D 120 15.52 12.92 -24.37
N PHE D 121 15.16 13.71 -25.39
CA PHE D 121 14.98 15.14 -25.22
C PHE D 121 14.17 15.63 -24.03
N GLY D 122 14.88 16.13 -23.05
CA GLY D 122 14.26 16.58 -21.85
C GLY D 122 13.79 15.50 -20.92
N VAL D 123 13.72 14.24 -21.32
CA VAL D 123 13.18 13.21 -20.44
C VAL D 123 14.40 12.67 -19.74
N SER D 124 14.19 11.97 -18.63
CA SER D 124 15.34 11.63 -17.78
C SER D 124 15.89 10.34 -18.34
N TYR D 125 17.22 10.21 -18.20
CA TYR D 125 17.96 9.15 -18.81
C TYR D 125 17.77 7.86 -18.05
N ASP D 126 17.73 6.76 -18.79
CA ASP D 126 17.52 5.47 -18.17
C ASP D 126 18.05 4.53 -19.19
N GLU D 127 19.23 4.03 -18.85
CA GLU D 127 20.12 3.33 -19.76
C GLU D 127 19.44 2.17 -20.43
N TYR D 128 18.78 1.31 -19.66
CA TYR D 128 18.29 0.04 -20.23
C TYR D 128 17.10 0.32 -21.13
N ARG D 129 16.35 1.39 -20.84
CA ARG D 129 15.20 1.72 -21.63
C ARG D 129 15.66 2.36 -22.95
N TYR D 130 16.67 3.20 -22.88
CA TYR D 130 17.21 3.86 -24.06
C TYR D 130 17.73 2.79 -24.99
N LYS D 131 18.52 1.88 -24.42
CA LYS D 131 19.14 0.88 -25.26
C LYS D 131 18.10 0.04 -25.92
N SER D 132 17.01 -0.16 -25.21
CA SER D 132 15.99 -1.05 -25.74
C SER D 132 15.03 -0.31 -26.74
N VAL D 133 14.88 1.00 -26.63
CA VAL D 133 14.17 1.76 -27.64
C VAL D 133 15.01 1.83 -28.92
N VAL D 134 16.30 2.04 -28.75
CA VAL D 134 17.18 2.24 -29.86
C VAL D 134 17.27 0.92 -30.67
N LYS D 135 17.29 -0.19 -29.96
CA LYS D 135 17.45 -1.44 -30.69
C LYS D 135 16.19 -1.77 -31.43
N ALA D 136 15.05 -1.64 -30.76
CA ALA D 136 13.77 -1.98 -31.38
C ALA D 136 13.39 -1.00 -32.57
N CYS D 137 13.90 0.26 -32.55
CA CYS D 137 13.76 1.24 -33.65
C CYS D 137 14.82 1.04 -34.74
N GLN D 138 15.60 -0.05 -34.66
CA GLN D 138 16.59 -0.39 -35.70
C GLN D 138 17.57 0.75 -35.88
N LEU D 139 17.87 1.49 -34.80
CA LEU D 139 18.88 2.54 -34.93
C LEU D 139 20.31 2.06 -34.64
N GLN D 140 20.47 0.93 -33.99
CA GLN D 140 21.79 0.45 -33.76
C GLN D 140 22.55 0.26 -35.07
N GLN D 141 21.88 -0.22 -36.10
CA GLN D 141 22.55 -0.38 -37.39
C GLN D 141 23.03 1.02 -37.89
N ASP D 142 22.27 2.09 -37.57
CA ASP D 142 22.73 3.43 -37.98
C ASP D 142 23.90 3.92 -37.11
N ILE D 143 23.69 3.91 -35.77
CA ILE D 143 24.69 4.60 -34.94
C ILE D 143 26.04 3.89 -35.05
N THR D 144 25.99 2.63 -35.43
CA THR D 144 27.23 1.89 -35.52
C THR D 144 28.08 2.27 -36.71
N LYS D 145 27.56 3.02 -37.69
CA LYS D 145 28.36 3.45 -38.78
C LYS D 145 29.11 4.70 -38.42
N PHE D 146 28.83 5.31 -37.25
CA PHE D 146 29.40 6.60 -36.84
C PHE D 146 30.57 6.42 -35.83
N ALA D 147 31.68 7.19 -35.95
CA ALA D 147 32.81 7.02 -35.01
C ALA D 147 32.35 7.24 -33.57
N GLU D 148 31.48 8.21 -33.29
CA GLU D 148 31.15 8.47 -31.91
C GLU D 148 29.76 7.88 -31.62
N GLN D 149 29.26 7.08 -32.55
CA GLN D 149 27.96 6.48 -32.41
C GLN D 149 26.87 7.44 -31.94
N ASP D 150 26.14 6.98 -30.97
CA ASP D 150 25.24 7.71 -30.11
C ASP D 150 25.65 9.11 -29.73
N ASN D 151 26.94 9.36 -29.61
CA ASN D 151 27.39 10.71 -29.28
C ASN D 151 27.63 11.56 -30.49
N THR D 152 27.27 11.04 -31.66
CA THR D 152 27.37 11.82 -32.87
C THR D 152 26.50 13.07 -32.75
N VAL D 153 27.14 14.19 -33.08
CA VAL D 153 26.51 15.49 -32.96
C VAL D 153 25.80 15.76 -34.28
N LEU D 154 24.49 16.06 -34.22
CA LEU D 154 23.71 16.52 -35.37
C LEU D 154 23.49 18.07 -35.38
N GLY D 155 23.30 18.65 -36.56
CA GLY D 155 22.65 19.97 -36.69
C GLY D 155 21.14 19.97 -36.81
N GLU D 156 20.48 21.12 -36.63
CA GLU D 156 19.01 21.15 -36.62
C GLU D 156 18.61 20.55 -37.96
N GLY D 157 17.48 19.87 -38.00
CA GLY D 157 17.09 19.29 -39.26
C GLY D 157 17.82 17.98 -39.51
N GLY D 158 18.99 17.72 -38.88
CA GLY D 158 19.78 16.49 -39.20
C GLY D 158 19.82 16.17 -40.69
N VAL D 159 20.33 17.15 -41.43
CA VAL D 159 20.13 17.31 -42.86
C VAL D 159 20.96 16.33 -43.71
N THR D 160 22.16 15.86 -43.25
CA THR D 160 22.97 14.88 -44.04
C THR D 160 22.52 13.45 -43.82
N LEU D 161 21.57 13.25 -42.94
CA LEU D 161 21.05 11.96 -42.62
C LEU D 161 20.02 11.59 -43.71
N SER D 162 19.55 10.34 -43.75
CA SER D 162 18.50 9.93 -44.73
C SER D 162 17.17 10.24 -44.02
N GLY D 163 16.07 10.23 -44.76
CA GLY D 163 14.75 10.38 -44.21
C GLY D 163 14.48 9.25 -43.26
N GLY D 164 14.88 8.00 -43.61
CA GLY D 164 14.63 6.83 -42.76
C GLY D 164 15.33 7.09 -41.40
N GLN D 165 16.58 7.55 -41.42
CA GLN D 165 17.30 7.77 -40.17
C GLN D 165 16.63 8.83 -39.28
N ARG D 166 16.18 9.93 -39.89
CA ARG D 166 15.58 11.03 -39.16
C ARG D 166 14.27 10.56 -38.55
N ALA D 167 13.57 9.72 -39.28
CA ALA D 167 12.30 9.18 -38.78
C ALA D 167 12.49 8.11 -37.67
N ARG D 168 13.57 7.33 -37.72
CA ARG D 168 13.80 6.37 -36.67
C ARG D 168 14.23 7.09 -35.39
N ILE D 169 15.01 8.14 -35.54
CA ILE D 169 15.45 8.93 -34.36
C ILE D 169 14.20 9.60 -33.73
N SER D 170 13.33 10.09 -34.60
CA SER D 170 12.10 10.75 -34.17
C SER D 170 11.09 9.72 -33.60
N LEU D 171 10.97 8.54 -34.18
CA LEU D 171 10.18 7.49 -33.53
C LEU D 171 10.71 7.14 -32.10
N ALA D 172 12.04 6.98 -32.01
CA ALA D 172 12.71 6.51 -30.78
C ALA D 172 12.41 7.48 -29.67
N ARG D 173 12.43 8.74 -29.98
CA ARG D 173 12.12 9.79 -29.07
C ARG D 173 10.69 9.63 -28.51
N ALA D 174 9.76 9.33 -29.41
CA ALA D 174 8.36 9.34 -29.00
C ALA D 174 8.10 8.14 -28.19
N VAL D 175 8.73 7.03 -28.56
CA VAL D 175 8.59 5.73 -27.89
C VAL D 175 9.33 5.67 -26.51
N TYR D 176 10.43 6.41 -26.38
CA TYR D 176 11.19 6.44 -25.14
C TYR D 176 10.44 7.18 -24.05
N LYS D 177 9.71 8.21 -24.44
CA LYS D 177 8.87 9.00 -23.55
C LYS D 177 7.83 8.10 -22.94
N ASP D 178 7.59 8.20 -21.65
CA ASP D 178 6.61 7.26 -21.03
C ASP D 178 5.22 7.87 -21.14
N ALA D 179 4.27 7.21 -21.78
CA ALA D 179 2.96 7.84 -21.93
C ALA D 179 1.86 6.84 -22.01
N ASP D 180 0.62 7.30 -21.89
CA ASP D 180 -0.52 6.40 -22.01
C ASP D 180 -0.94 6.12 -23.44
N LEU D 181 -0.68 7.05 -24.37
CA LEU D 181 -1.16 6.96 -25.76
C LEU D 181 -0.13 7.51 -26.70
N TYR D 182 0.14 6.70 -27.69
CA TYR D 182 1.22 6.94 -28.67
C TYR D 182 0.59 7.21 -29.99
N LEU D 183 0.88 8.38 -30.54
CA LEU D 183 0.36 8.81 -31.84
C LEU D 183 1.53 8.81 -32.83
N LEU D 184 1.45 7.93 -33.81
CA LEU D 184 2.54 7.73 -34.71
C LEU D 184 2.06 8.06 -36.12
N ASP D 185 2.37 9.29 -36.53
CA ASP D 185 1.92 9.76 -37.83
C ASP D 185 2.81 9.35 -38.97
N SER D 186 2.56 8.23 -39.60
CA SER D 186 3.26 7.98 -40.88
C SER D 186 4.82 7.85 -40.85
N PRO D 187 5.40 7.23 -39.83
CA PRO D 187 6.86 7.04 -39.82
C PRO D 187 7.27 6.14 -40.98
N PHE D 188 6.40 5.30 -41.50
CA PHE D 188 6.81 4.27 -42.48
C PHE D 188 6.59 4.71 -43.95
N GLY D 189 7.40 5.63 -44.44
CA GLY D 189 7.16 6.28 -45.72
C GLY D 189 8.36 6.41 -46.65
N TYR D 190 9.47 5.73 -46.33
CA TYR D 190 10.71 5.96 -47.05
C TYR D 190 11.09 4.76 -47.85
N LEU D 191 12.20 4.92 -48.56
CA LEU D 191 12.71 3.91 -49.46
C LEU D 191 13.27 2.70 -48.79
N ASP D 192 13.86 2.82 -47.60
CA ASP D 192 14.39 1.66 -46.92
C ASP D 192 13.29 0.79 -46.25
N VAL D 193 12.70 -0.03 -47.10
CA VAL D 193 11.43 -0.71 -46.84
C VAL D 193 11.58 -1.98 -45.93
N PHE D 194 12.68 -2.66 -46.08
CA PHE D 194 13.00 -3.79 -45.20
C PHE D 194 13.26 -3.34 -43.77
N THR D 195 14.08 -2.33 -43.56
CA THR D 195 14.18 -1.70 -42.23
C THR D 195 12.80 -1.31 -41.68
N GLU D 196 11.98 -0.70 -42.53
CA GLU D 196 10.65 -0.25 -42.05
C GLU D 196 9.87 -1.43 -41.58
N GLU D 197 9.98 -2.54 -42.29
CA GLU D 197 9.30 -3.76 -41.84
C GLU D 197 9.86 -4.27 -40.47
N GLN D 198 11.18 -4.38 -40.29
CA GLN D 198 11.68 -4.73 -38.99
C GLN D 198 11.24 -3.71 -37.96
N VAL D 199 11.19 -2.40 -38.26
CA VAL D 199 10.87 -1.46 -37.17
C VAL D 199 9.46 -1.71 -36.77
N PHE D 200 8.60 -1.94 -37.75
CA PHE D 200 7.18 -2.04 -37.42
C PHE D 200 6.90 -3.30 -36.52
N GLU D 201 7.53 -4.40 -36.88
CA GLU D 201 7.49 -5.61 -36.09
C GLU D 201 8.15 -5.49 -34.74
N SER D 202 9.40 -4.99 -34.66
CA SER D 202 10.11 -4.95 -33.35
C SER D 202 9.71 -3.88 -32.41
N CYS D 203 9.46 -2.72 -32.96
CA CYS D 203 9.08 -1.60 -32.15
C CYS D 203 7.59 -1.60 -31.94
N VAL D 204 6.80 -1.61 -33.01
CA VAL D 204 5.37 -1.27 -32.86
C VAL D 204 4.51 -2.42 -32.42
N CYS D 205 4.84 -3.61 -32.94
CA CYS D 205 4.22 -4.84 -32.52
C CYS D 205 4.82 -5.55 -31.26
N LYS D 206 6.15 -5.80 -31.17
CA LYS D 206 6.70 -6.50 -30.02
C LYS D 206 6.92 -5.52 -28.88
N LEU D 207 7.93 -4.65 -28.98
CA LEU D 207 8.17 -3.73 -27.85
C LEU D 207 6.92 -3.10 -27.36
N MET D 208 6.05 -2.54 -28.23
CA MET D 208 4.90 -1.76 -27.73
C MET D 208 3.61 -2.58 -27.62
N ALA D 209 3.75 -3.90 -27.59
CA ALA D 209 2.56 -4.75 -27.61
C ALA D 209 1.46 -4.32 -26.63
N ASN D 210 1.82 -3.73 -25.49
CA ASN D 210 0.87 -3.42 -24.43
C ASN D 210 0.67 -1.97 -24.22
N LYS D 211 1.07 -1.18 -25.20
CA LYS D 211 0.78 0.23 -25.14
C LYS D 211 -0.36 0.48 -26.08
N THR D 212 -1.03 1.55 -25.83
CA THR D 212 -2.15 1.97 -26.63
C THR D 212 -1.55 2.85 -27.68
N ARG D 213 -1.68 2.43 -28.91
CA ARG D 213 -1.02 3.15 -29.95
C ARG D 213 -1.89 3.41 -31.17
N ILE D 214 -1.66 4.55 -31.82
CA ILE D 214 -2.40 4.89 -33.00
C ILE D 214 -1.40 5.20 -34.06
N LEU D 215 -1.48 4.41 -35.15
CA LEU D 215 -0.52 4.48 -36.21
C LEU D 215 -1.23 4.92 -37.49
N VAL D 216 -0.82 6.11 -38.02
CA VAL D 216 -1.28 6.54 -39.33
C VAL D 216 -0.33 5.96 -40.37
N THR D 217 -0.86 5.27 -41.36
CA THR D 217 0.01 4.45 -42.21
C THR D 217 -0.60 4.20 -43.59
N SER D 218 0.15 3.71 -44.52
CA SER D 218 -0.45 3.36 -45.80
C SER D 218 -0.05 1.95 -46.25
N LYS D 219 0.26 1.08 -45.32
CA LYS D 219 0.62 -0.29 -45.65
C LYS D 219 -0.45 -1.19 -45.08
N MET D 220 -0.70 -2.32 -45.77
CA MET D 220 -1.86 -3.17 -45.51
C MET D 220 -1.52 -4.17 -44.42
N GLU D 221 -0.28 -4.64 -44.46
CA GLU D 221 0.32 -5.35 -43.32
C GLU D 221 0.03 -4.69 -41.96
N HIS D 222 0.03 -3.36 -41.88
CA HIS D 222 -0.21 -2.71 -40.56
C HIS D 222 -1.68 -2.80 -40.15
N LEU D 223 -2.57 -2.95 -41.13
CA LEU D 223 -4.01 -2.95 -40.92
C LEU D 223 -4.35 -4.37 -40.50
N ARG D 224 -3.74 -5.30 -41.22
CA ARG D 224 -3.78 -6.73 -40.93
C ARG D 224 -3.34 -7.14 -39.53
N LYS D 225 -2.40 -6.40 -38.94
CA LYS D 225 -1.87 -6.64 -37.60
C LYS D 225 -2.57 -5.76 -36.61
N ALA D 226 -3.38 -4.82 -37.08
CA ALA D 226 -3.95 -3.88 -36.15
C ALA D 226 -5.03 -4.59 -35.32
N ASP D 227 -5.43 -3.98 -34.22
CA ASP D 227 -6.54 -4.48 -33.44
C ASP D 227 -7.79 -3.84 -34.02
N LYS D 228 -7.68 -2.59 -34.41
CA LYS D 228 -8.77 -1.86 -35.07
C LYS D 228 -8.29 -0.94 -36.25
N ILE D 229 -9.20 -0.60 -37.15
CA ILE D 229 -8.86 0.17 -38.35
C ILE D 229 -9.85 1.32 -38.52
N LEU D 230 -9.37 2.52 -38.85
CA LEU D 230 -10.15 3.64 -39.43
C LEU D 230 -9.62 3.86 -40.83
N ILE D 231 -10.45 3.70 -41.86
CA ILE D 231 -10.16 4.24 -43.20
C ILE D 231 -11.02 5.47 -43.38
N LEU D 232 -10.36 6.58 -43.64
CA LEU D 232 -10.94 7.89 -43.65
C LEU D 232 -10.96 8.35 -45.14
N HIS D 233 -12.01 9.08 -45.53
CA HIS D 233 -12.11 9.60 -46.92
C HIS D 233 -12.82 10.94 -46.98
N GLN D 234 -12.09 11.96 -47.38
CA GLN D 234 -12.62 13.32 -47.45
C GLN D 234 -13.33 13.66 -46.17
N GLY D 235 -12.64 13.47 -45.06
CA GLY D 235 -13.17 14.00 -43.82
C GLY D 235 -14.13 13.06 -43.11
N SER D 236 -14.37 11.89 -43.67
CA SER D 236 -15.35 11.05 -43.06
C SER D 236 -14.90 9.60 -43.05
N SER D 237 -15.58 8.83 -42.23
CA SER D 237 -15.21 7.48 -41.94
C SER D 237 -15.69 6.51 -43.00
N TYR D 238 -14.93 6.24 -44.04
CA TYR D 238 -15.20 5.11 -44.93
C TYR D 238 -15.43 3.75 -44.22
N PHE D 239 -14.75 3.52 -43.10
CA PHE D 239 -14.77 2.20 -42.42
C PHE D 239 -14.13 2.27 -41.05
N TYR D 240 -14.69 1.49 -40.14
CA TYR D 240 -14.20 1.37 -38.77
C TYR D 240 -14.58 0.03 -38.18
N GLY D 241 -13.58 -0.78 -37.87
CA GLY D 241 -13.81 -2.14 -37.42
C GLY D 241 -12.56 -2.97 -37.54
N THR D 242 -12.70 -4.27 -37.63
CA THR D 242 -11.54 -5.10 -37.55
C THR D 242 -11.06 -5.38 -38.95
N PHE D 243 -9.97 -6.13 -39.10
CA PHE D 243 -9.44 -6.40 -40.39
C PHE D 243 -10.40 -7.31 -41.15
N SER D 244 -10.84 -8.37 -40.47
CA SER D 244 -11.97 -9.19 -40.92
C SER D 244 -13.19 -8.41 -41.43
N GLU D 245 -13.85 -7.72 -40.52
CA GLU D 245 -14.91 -6.85 -40.93
C GLU D 245 -14.56 -6.00 -42.17
N LEU D 246 -13.28 -5.77 -42.45
CA LEU D 246 -12.91 -4.96 -43.60
C LEU D 246 -13.03 -5.77 -44.87
N GLN D 247 -12.57 -7.01 -44.80
CA GLN D 247 -12.59 -7.87 -45.96
C GLN D 247 -14.02 -8.00 -46.45
N SER D 248 -14.89 -8.49 -45.58
CA SER D 248 -16.23 -8.89 -46.00
C SER D 248 -17.27 -7.79 -45.98
N LEU D 249 -17.00 -6.70 -45.26
CA LEU D 249 -17.95 -5.58 -45.17
C LEU D 249 -17.67 -4.41 -46.14
N ARG D 250 -16.66 -4.61 -46.99
CA ARG D 250 -16.05 -3.59 -47.85
C ARG D 250 -15.16 -4.38 -48.77
N PRO D 251 -15.67 -5.41 -49.47
CA PRO D 251 -14.79 -6.34 -50.20
C PRO D 251 -14.23 -5.72 -51.49
N ASP D 252 -14.86 -4.66 -52.00
CA ASP D 252 -14.41 -3.98 -53.21
C ASP D 252 -13.08 -3.28 -52.88
N PHE D 253 -13.06 -2.58 -51.74
CA PHE D 253 -11.83 -2.01 -51.23
C PHE D 253 -10.85 -3.16 -51.07
N SER D 254 -11.21 -4.11 -50.23
CA SER D 254 -10.25 -5.12 -49.83
C SER D 254 -9.71 -5.90 -50.99
N SER D 255 -10.57 -6.15 -51.98
CA SER D 255 -10.14 -7.04 -53.09
C SER D 255 -9.03 -6.38 -53.87
N LYS D 256 -9.18 -5.08 -54.07
CA LYS D 256 -8.26 -4.30 -54.88
C LYS D 256 -6.95 -4.18 -54.10
N LEU D 257 -7.04 -3.89 -52.80
CA LEU D 257 -5.82 -3.62 -52.00
C LEU D 257 -5.04 -4.85 -51.73
N MET D 258 -5.73 -5.87 -51.20
CA MET D 258 -5.10 -7.15 -50.89
C MET D 258 -4.76 -7.89 -52.16
N GLY D 259 -5.02 -7.27 -53.31
CA GLY D 259 -4.81 -7.99 -54.56
C GLY D 259 -3.44 -7.86 -55.19
N TYR D 260 -2.63 -6.95 -54.67
CA TYR D 260 -1.31 -6.70 -55.27
C TYR D 260 -0.37 -7.71 -54.63
N ASP D 261 0.78 -7.96 -55.22
CA ASP D 261 1.64 -8.93 -54.55
C ASP D 261 2.49 -8.31 -53.42
N THR D 262 3.04 -7.12 -53.64
CA THR D 262 3.79 -6.44 -52.60
C THR D 262 3.58 -4.98 -52.72
N PHE D 263 2.38 -4.60 -52.34
CA PHE D 263 1.88 -3.26 -52.34
C PHE D 263 2.65 -2.49 -51.29
N ASP D 264 2.87 -3.15 -50.14
CA ASP D 264 3.57 -2.53 -48.98
C ASP D 264 4.96 -2.05 -49.33
N GLN D 265 5.47 -2.56 -50.47
CA GLN D 265 6.77 -2.14 -50.95
C GLN D 265 6.83 -1.10 -52.07
N PHE D 266 5.66 -0.57 -52.45
CA PHE D 266 5.62 0.56 -53.36
C PHE D 266 6.01 1.78 -52.52
N THR D 267 6.41 2.85 -53.19
CA THR D 267 6.74 4.10 -52.53
C THR D 267 5.48 4.52 -51.91
N GLU D 268 5.60 5.37 -50.92
CA GLU D 268 4.45 5.92 -50.24
C GLU D 268 3.45 6.61 -51.21
N GLU D 269 3.98 7.22 -52.26
CA GLU D 269 3.17 8.04 -53.14
C GLU D 269 2.31 7.14 -54.05
N ARG D 270 2.87 6.08 -54.61
CA ARG D 270 2.07 5.05 -55.20
C ARG D 270 0.99 4.50 -54.23
N ARG D 271 1.39 4.03 -53.04
CA ARG D 271 0.45 3.43 -52.08
C ARG D 271 -0.65 4.46 -51.88
N SER D 272 -0.29 5.71 -51.68
CA SER D 272 -1.33 6.69 -51.39
C SER D 272 -2.17 7.00 -52.62
N SER D 273 -1.70 6.79 -53.85
CA SER D 273 -2.54 7.16 -54.98
C SER D 273 -3.47 6.01 -55.10
N ILE D 274 -2.97 4.81 -54.89
CA ILE D 274 -3.84 3.71 -55.09
C ILE D 274 -4.95 3.79 -54.03
N LEU D 275 -4.58 3.94 -52.76
CA LEU D 275 -5.60 4.06 -51.71
C LEU D 275 -6.69 5.06 -52.13
N THR D 276 -6.27 6.25 -52.47
CA THR D 276 -7.09 7.34 -52.96
C THR D 276 -8.08 6.96 -54.09
N GLU D 277 -7.52 6.40 -55.14
CA GLU D 277 -8.31 6.08 -56.27
C GLU D 277 -9.29 5.03 -55.90
N THR D 278 -8.82 4.07 -55.13
CA THR D 278 -9.70 3.02 -54.69
C THR D 278 -10.81 3.66 -53.84
N LEU D 279 -10.48 4.48 -52.86
CA LEU D 279 -11.54 5.07 -52.07
C LEU D 279 -12.49 5.94 -52.97
N ARG D 280 -12.00 6.49 -54.08
CA ARG D 280 -12.88 7.29 -54.93
C ARG D 280 -13.88 6.41 -55.66
N ARG D 281 -13.43 5.21 -56.03
CA ARG D 281 -14.20 4.28 -56.82
C ARG D 281 -15.22 3.55 -55.99
N PHE D 282 -15.16 3.58 -54.65
CA PHE D 282 -16.11 2.77 -53.89
C PHE D 282 -16.83 3.55 -52.83
N SER D 283 -18.16 3.56 -52.94
CA SER D 283 -19.06 4.62 -52.41
C SER D 283 -18.90 5.79 -53.37
PB ADP E . 38.34 -15.54 -1.92
O1B ADP E . 39.40 -15.02 -2.83
O2B ADP E . 37.04 -14.81 -2.19
O3B ADP E . 38.17 -17.08 -2.16
PA ADP E . 37.92 -14.63 0.79
O1A ADP E . 36.63 -15.39 0.79
O2A ADP E . 37.79 -13.06 0.80
O3A ADP E . 38.84 -15.10 -0.47
O5' ADP E . 38.69 -15.17 2.12
C5' ADP E . 39.53 -14.33 2.88
C4' ADP E . 40.22 -15.15 3.98
O4' ADP E . 39.31 -15.81 4.88
C3' ADP E . 41.09 -16.23 3.41
O3' ADP E . 42.25 -16.11 4.17
C2' ADP E . 40.32 -17.53 3.67
O2' ADP E . 41.10 -18.70 3.84
C1' ADP E . 39.40 -17.22 4.85
N9 ADP E . 38.04 -17.83 4.62
C8 ADP E . 37.22 -17.58 3.56
N7 ADP E . 36.08 -18.31 3.68
C5 ADP E . 36.17 -19.04 4.81
C6 ADP E . 35.30 -19.96 5.42
N6 ADP E . 34.11 -20.23 4.85
N1 ADP E . 35.65 -20.59 6.61
C2 ADP E . 36.87 -20.29 7.19
N3 ADP E . 37.73 -19.38 6.59
C4 ADP E . 37.41 -18.76 5.42
C ACY F . 11.56 -25.19 -6.65
O ACY F . 11.47 -24.19 -5.83
OXT ACY F . 12.59 -25.87 -6.92
CH3 ACY F . 10.34 -25.55 -7.35
C ACY G . 18.39 -27.08 -17.32
O ACY G . 18.82 -27.21 -16.14
OXT ACY G . 17.36 -27.62 -17.80
CH3 ACY G . 19.15 -26.21 -18.22
PB ADP H . 3.28 -12.91 6.31
O1B ADP H . 2.27 -12.28 5.39
O2B ADP H . 2.77 -12.64 7.74
O3B ADP H . 3.51 -14.45 6.13
PA ADP H . 5.81 -12.04 6.90
O1A ADP H . 5.79 -13.12 7.87
O2A ADP H . 5.78 -10.62 7.57
O3A ADP H . 4.60 -12.12 5.89
O5' ADP H . 7.17 -12.27 6.01
C5' ADP H . 7.94 -11.18 5.52
C4' ADP H . 9.07 -11.75 4.65
O4' ADP H . 10.00 -12.63 5.35
C3' ADP H . 8.52 -12.56 3.44
O3' ADP H . 9.36 -12.27 2.34
C2' ADP H . 8.67 -14.00 3.89
O2' ADP H . 8.60 -14.95 2.82
C1' ADP H . 9.94 -13.91 4.75
N9 ADP H . 9.89 -14.80 5.90
C8 ADP H . 8.99 -14.81 6.95
N7 ADP H . 9.33 -15.80 7.80
C5 ADP H . 10.45 -16.43 7.30
C6 ADP H . 11.24 -17.51 7.73
N6 ADP H . 10.97 -18.15 8.85
N1 ADP H . 12.34 -17.90 6.98
C2 ADP H . 12.68 -17.25 5.83
N3 ADP H . 11.89 -16.19 5.41
C4 ADP H . 10.80 -15.80 6.12
C ACY I . -2.13 -27.89 30.38
O ACY I . -1.15 -27.16 30.63
OXT ACY I . -2.39 -28.35 29.24
CH3 ACY I . -3.00 -28.23 31.57
PB ADP J . -27.70 23.98 36.28
O1B ADP J . -26.33 23.66 36.73
O2B ADP J . -28.22 22.96 35.21
O3B ADP J . -28.65 24.00 37.55
PA ADP J . -28.37 26.01 34.39
O1A ADP J . -29.82 25.76 34.59
O2A ADP J . -27.65 25.58 33.11
O3A ADP J . -27.56 25.44 35.65
O5' ADP J . -28.27 27.62 34.60
C5' ADP J . -27.16 28.42 34.29
C4' ADP J . -27.48 29.90 34.62
O4' ADP J . -28.84 30.23 34.33
C3' ADP J . -27.29 30.21 36.09
O3' ADP J . -26.81 31.54 36.17
C2' ADP J . -28.69 30.03 36.66
O2' ADP J . -28.87 30.57 37.94
C1' ADP J . -29.54 30.62 35.53
N9 ADP J . -30.95 30.11 35.52
C8 ADP J . -31.35 28.81 35.25
N7 ADP J . -32.71 28.74 35.32
C5 ADP J . -33.19 29.98 35.65
C6 ADP J . -34.50 30.48 35.86
N6 ADP J . -35.60 29.74 35.76
N1 ADP J . -34.66 31.82 36.19
C2 ADP J . -33.54 32.64 36.31
N3 ADP J . -32.27 32.14 36.08
C4 ADP J . -32.08 30.83 35.76
C ACY K . -52.18 8.65 33.80
O ACY K . -52.10 9.25 32.73
OXT ACY K . -51.64 9.05 34.86
CH3 ACY K . -53.02 7.44 33.84
PB ADP L . -4.46 13.78 -44.44
O1B ADP L . -5.14 12.47 -44.62
O2B ADP L . -3.65 13.85 -43.13
O3B ADP L . -3.47 13.92 -45.63
PA ADP L . -5.42 16.18 -43.46
O1A ADP L . -4.06 16.75 -43.67
O2A ADP L . -5.78 15.90 -41.98
O3A ADP L . -5.59 14.90 -44.41
O5' ADP L . -6.52 17.16 -44.08
C5' ADP L . -6.78 18.39 -43.47
C4' ADP L . -7.59 19.11 -44.52
O4' ADP L . -6.71 19.76 -45.43
C3' ADP L . -8.41 18.11 -45.32
O3' ADP L . -9.76 18.08 -44.87
C2' ADP L . -8.20 18.49 -46.78
O2' ADP L . -9.41 18.92 -47.38
C1' ADP L . -7.23 19.65 -46.74
N9 ADP L . -6.12 19.58 -47.72
C8 ADP L . -6.07 18.85 -48.89
N7 ADP L . -4.88 19.09 -49.50
C5 ADP L . -4.16 19.96 -48.75
C6 ADP L . -2.88 20.56 -48.89
N6 ADP L . -2.10 20.24 -49.93
N1 ADP L . -2.41 21.43 -47.91
C2 ADP L . -3.19 21.73 -46.81
N3 ADP L . -4.44 21.15 -46.67
C4 ADP L . -4.93 20.28 -47.62
C ACY M . 23.97 16.48 -39.54
O ACY M . 23.54 15.94 -40.59
OXT ACY M . 23.25 17.18 -38.79
CH3 ACY M . 25.40 16.19 -39.17
C ACY N . 22.03 4.95 -44.72
O ACY N . 21.39 3.91 -44.50
OXT ACY N . 21.55 6.14 -44.69
CH3 ACY N . 23.44 4.70 -45.03
#